data_1EVK
#
_entry.id   1EVK
#
_cell.length_a   107.050
_cell.length_b   117.340
_cell.length_c   87.08
_cell.angle_alpha   90.00
_cell.angle_beta   90.00
_cell.angle_gamma   90.00
#
_symmetry.space_group_name_H-M   'P 21 21 2'
#
loop_
_entity.id
_entity.type
_entity.pdbx_description
1 polymer 'THREONYL-TRNA SYNTHETASE'
2 non-polymer 'ZINC ION'
3 non-polymer THREONINE
4 water water
#
_entity_poly.entity_id   1
_entity_poly.type   'polypeptide(L)'
_entity_poly.pdbx_seq_one_letter_code
;RDHRKIGKQLDLYHMQEEAPGMVFWHNDGWTIFRELEVFVRSKLKEYQYQEVKGPFMMDRVLWEKTGHWDNYKDAMFTTS
SENREYCIKPMNCPGHVQIFNQGLKSYRDLPLRMAEFGSCHRNEPSGSLHGLMRVRGFTQDDAHIFCTEEQIRDEVNGCI
RLVYDMYSTFGFEKIVVKLSTRPEKRIGSDEMWDRAEADLAVALEENNIPFEYQLGEGAFYGPKIEFTLYDCLDRAWQCG
TVQLDFSLPSRLSASYVGEDNERKVPVMIHRAILGSMERFIGILTEEFAGFFPTWLAPVQVVIMNITDSQSEYVNELTQK
LSNAGIRVKADLRNEKIGFKIREHTLRRVPYMLVCGDKEVESGKVAVRTRRGKDLGSMDVNEVIEKLQQEIRSRSLKQLE
E
;
_entity_poly.pdbx_strand_id   A,B
#
loop_
_chem_comp.id
_chem_comp.type
_chem_comp.name
_chem_comp.formula
ZN non-polymer 'ZINC ION' 'Zn 2'
#
# COMPACT_ATOMS: atom_id res chain seq x y z
N ARG A 1 29.18 3.70 0.49
CA ARG A 1 28.19 2.81 -0.18
C ARG A 1 27.68 1.63 0.65
N ASP A 2 27.53 1.84 1.96
CA ASP A 2 26.99 0.80 2.83
C ASP A 2 25.57 1.27 3.12
N HIS A 3 24.57 0.48 2.76
CA HIS A 3 23.19 0.93 2.96
C HIS A 3 22.81 1.10 4.43
N ARG A 4 23.42 0.33 5.32
CA ARG A 4 23.10 0.45 6.74
C ARG A 4 23.55 1.81 7.26
N LYS A 5 24.75 2.22 6.88
CA LYS A 5 25.26 3.51 7.34
C LYS A 5 24.44 4.63 6.71
N ILE A 6 24.19 4.53 5.41
CA ILE A 6 23.41 5.53 4.70
C ILE A 6 21.98 5.60 5.25
N GLY A 7 21.40 4.45 5.52
CA GLY A 7 20.04 4.39 6.04
C GLY A 7 19.90 5.13 7.37
N LYS A 8 20.97 5.17 8.15
CA LYS A 8 20.93 5.86 9.42
C LYS A 8 21.16 7.34 9.20
N GLN A 9 22.09 7.69 8.31
CA GLN A 9 22.38 9.11 8.07
C GLN A 9 21.19 9.80 7.44
N LEU A 10 20.44 9.08 6.60
CA LEU A 10 19.28 9.68 5.94
C LEU A 10 17.98 9.36 6.67
N ASP A 11 18.09 8.74 7.84
CA ASP A 11 16.92 8.43 8.68
C ASP A 11 15.86 7.68 7.88
N LEU A 12 16.27 6.63 7.17
CA LEU A 12 15.36 5.86 6.36
C LEU A 12 14.66 4.74 7.12
N TYR A 13 15.38 4.08 8.01
CA TYR A 13 14.80 2.97 8.74
C TYR A 13 15.71 2.58 9.88
N HIS A 14 15.30 1.60 10.66
CA HIS A 14 16.16 1.09 11.70
C HIS A 14 15.64 -0.29 12.05
N MET A 15 16.48 -1.06 12.75
CA MET A 15 16.17 -2.42 13.17
C MET A 15 16.51 -2.49 14.66
N GLN A 16 15.88 -3.42 15.36
CA GLN A 16 16.19 -3.63 16.79
C GLN A 16 15.88 -5.07 17.18
N GLU A 17 16.53 -5.55 18.24
CA GLU A 17 16.37 -6.94 18.69
C GLU A 17 14.95 -7.39 19.02
N GLU A 18 14.09 -6.45 19.39
CA GLU A 18 12.72 -6.83 19.73
C GLU A 18 11.96 -7.37 18.53
N ALA A 19 12.53 -7.20 17.33
CA ALA A 19 11.88 -7.68 16.10
C ALA A 19 12.97 -7.99 15.08
N PRO A 20 13.71 -9.10 15.31
CA PRO A 20 14.80 -9.49 14.41
C PRO A 20 14.38 -9.63 12.95
N GLY A 21 15.10 -8.95 12.07
CA GLY A 21 14.81 -9.05 10.65
C GLY A 21 13.53 -8.38 10.19
N MET A 22 12.98 -7.48 10.99
CA MET A 22 11.76 -6.79 10.58
C MET A 22 11.97 -5.30 10.64
N VAL A 23 11.90 -4.69 9.46
CA VAL A 23 12.21 -3.27 9.33
C VAL A 23 11.23 -2.29 9.95
N PHE A 24 11.77 -1.31 10.65
CA PHE A 24 10.96 -0.22 11.17
C PHE A 24 11.23 0.84 10.11
N TRP A 25 10.28 1.04 9.20
CA TRP A 25 10.44 2.05 8.15
C TRP A 25 10.07 3.43 8.67
N HIS A 26 11.04 4.35 8.68
CA HIS A 26 10.79 5.73 9.10
C HIS A 26 10.10 6.45 7.92
N ASN A 27 9.61 7.66 8.15
CA ASN A 27 8.90 8.39 7.10
C ASN A 27 9.66 8.44 5.78
N ASP A 28 10.92 8.85 5.81
CA ASP A 28 11.69 8.93 4.58
C ASP A 28 11.98 7.62 3.88
N GLY A 29 12.26 6.55 4.62
CA GLY A 29 12.49 5.28 3.99
C GLY A 29 11.20 4.73 3.42
N TRP A 30 10.08 4.97 4.11
CA TRP A 30 8.79 4.47 3.65
C TRP A 30 8.35 5.20 2.35
N THR A 31 8.78 6.45 2.20
CA THR A 31 8.45 7.21 1.01
C THR A 31 9.09 6.56 -0.21
N ILE A 32 10.30 6.08 -0.05
CA ILE A 32 11.01 5.44 -1.13
C ILE A 32 10.31 4.12 -1.46
N PHE A 33 9.95 3.38 -0.42
CA PHE A 33 9.27 2.11 -0.61
C PHE A 33 7.93 2.37 -1.35
N ARG A 34 7.18 3.37 -0.91
CA ARG A 34 5.90 3.67 -1.56
C ARG A 34 6.09 4.10 -3.01
N GLU A 35 7.13 4.88 -3.31
CA GLU A 35 7.35 5.28 -4.71
C GLU A 35 7.72 4.05 -5.57
N LEU A 36 8.44 3.08 -5.00
CA LEU A 36 8.78 1.85 -5.73
C LEU A 36 7.49 1.12 -6.11
N GLU A 37 6.56 1.05 -5.16
CA GLU A 37 5.28 0.40 -5.34
C GLU A 37 4.52 1.13 -6.45
N VAL A 38 4.49 2.46 -6.38
CA VAL A 38 3.82 3.25 -7.41
C VAL A 38 4.39 2.85 -8.77
N PHE A 39 5.71 2.78 -8.87
CA PHE A 39 6.38 2.41 -10.13
C PHE A 39 5.96 1.01 -10.62
N VAL A 40 6.05 0.02 -9.75
CA VAL A 40 5.65 -1.34 -10.10
C VAL A 40 4.19 -1.37 -10.58
N ARG A 41 3.31 -0.63 -9.89
CA ARG A 41 1.90 -0.59 -10.24
C ARG A 41 1.71 -0.03 -11.64
N SER A 42 2.59 0.89 -12.05
CA SER A 42 2.46 1.45 -13.40
C SER A 42 2.75 0.34 -14.41
N LYS A 43 3.61 -0.60 -14.04
CA LYS A 43 3.93 -1.71 -14.93
C LYS A 43 2.80 -2.74 -14.86
N LEU A 44 2.19 -2.86 -13.70
CA LEU A 44 1.10 -3.82 -13.55
C LEU A 44 -0.02 -3.43 -14.51
N LYS A 45 -0.31 -2.14 -14.59
CA LYS A 45 -1.36 -1.66 -15.48
C LYS A 45 -0.95 -1.88 -16.94
N GLU A 46 0.29 -1.56 -17.25
CA GLU A 46 0.81 -1.71 -18.60
C GLU A 46 0.83 -3.15 -19.10
N TYR A 47 1.36 -4.07 -18.30
CA TYR A 47 1.44 -5.47 -18.72
C TYR A 47 0.18 -6.24 -18.35
N GLN A 48 -0.87 -5.51 -18.04
CA GLN A 48 -2.16 -6.07 -17.69
C GLN A 48 -2.18 -7.12 -16.58
N TYR A 49 -1.93 -6.67 -15.35
CA TYR A 49 -1.98 -7.58 -14.21
C TYR A 49 -3.07 -7.09 -13.28
N GLN A 50 -3.68 -8.02 -12.57
CA GLN A 50 -4.68 -7.69 -11.57
C GLN A 50 -3.80 -7.51 -10.33
N GLU A 51 -4.30 -6.82 -9.32
CA GLU A 51 -3.55 -6.71 -8.08
C GLU A 51 -4.54 -7.15 -7.01
N VAL A 52 -4.14 -8.10 -6.18
CA VAL A 52 -5.01 -8.61 -5.13
C VAL A 52 -4.28 -8.51 -3.79
N LYS A 53 -4.93 -8.95 -2.73
CA LYS A 53 -4.32 -8.93 -1.40
C LYS A 53 -4.87 -10.09 -0.60
N GLY A 54 -3.96 -10.96 -0.14
CA GLY A 54 -4.36 -12.12 0.63
C GLY A 54 -4.08 -11.97 2.12
N PRO A 55 -4.72 -12.80 2.97
CA PRO A 55 -4.48 -12.72 4.42
C PRO A 55 -3.08 -13.17 4.80
N PHE A 56 -2.66 -12.83 6.01
CA PHE A 56 -1.33 -13.18 6.49
C PHE A 56 -1.20 -14.57 7.08
N MET A 57 -2.32 -15.20 7.39
CA MET A 57 -2.24 -16.54 7.93
C MET A 57 -3.37 -17.43 7.43
N MET A 58 -3.08 -18.72 7.37
CA MET A 58 -4.05 -19.72 6.92
C MET A 58 -3.81 -21.00 7.70
N ASP A 59 -4.85 -21.82 7.78
CA ASP A 59 -4.79 -23.09 8.50
C ASP A 59 -3.58 -23.91 8.08
N ARG A 60 -2.89 -24.50 9.05
CA ARG A 60 -1.74 -25.35 8.78
C ARG A 60 -2.16 -26.46 7.81
N VAL A 61 -3.42 -26.85 7.87
CA VAL A 61 -3.97 -27.88 7.00
C VAL A 61 -3.87 -27.54 5.52
N LEU A 62 -4.14 -26.29 5.15
CA LEU A 62 -4.05 -25.92 3.75
C LEU A 62 -2.59 -25.91 3.31
N TRP A 63 -1.70 -25.45 4.18
CA TRP A 63 -0.28 -25.41 3.83
C TRP A 63 0.25 -26.79 3.61
N GLU A 64 -0.32 -27.77 4.31
CA GLU A 64 0.15 -29.14 4.15
C GLU A 64 -0.30 -29.72 2.80
N LYS A 65 -1.36 -29.17 2.24
CA LYS A 65 -1.86 -29.64 0.96
C LYS A 65 -1.02 -29.16 -0.21
N THR A 66 -0.10 -28.24 0.06
CA THR A 66 0.77 -27.69 -0.98
C THR A 66 2.08 -28.47 -1.05
N GLY A 67 2.70 -28.65 0.10
CA GLY A 67 3.98 -29.35 0.18
C GLY A 67 4.97 -28.41 0.84
N HIS A 68 4.52 -27.17 0.99
CA HIS A 68 5.30 -26.12 1.61
C HIS A 68 5.68 -26.51 3.04
N TRP A 69 4.95 -27.46 3.61
CA TRP A 69 5.25 -27.86 4.98
C TRP A 69 6.48 -28.75 5.08
N ASP A 70 6.79 -29.51 4.04
CA ASP A 70 7.98 -30.36 4.09
C ASP A 70 9.22 -29.51 3.80
N ASN A 71 9.14 -28.74 2.73
CA ASN A 71 10.24 -27.89 2.31
C ASN A 71 10.43 -26.61 3.13
N TYR A 72 9.36 -26.08 3.73
CA TYR A 72 9.49 -24.85 4.50
C TYR A 72 9.16 -24.91 6.00
N LYS A 73 8.54 -26.00 6.43
CA LYS A 73 8.18 -26.19 7.83
C LYS A 73 9.09 -25.45 8.82
N ASP A 74 10.40 -25.66 8.68
CA ASP A 74 11.38 -25.06 9.58
C ASP A 74 11.53 -23.55 9.48
N ALA A 75 10.98 -22.95 8.44
CA ALA A 75 11.08 -21.51 8.27
C ALA A 75 9.76 -20.79 8.56
N MET A 76 8.68 -21.55 8.77
CA MET A 76 7.40 -20.92 9.04
C MET A 76 7.14 -20.59 10.50
N PHE A 77 6.49 -19.45 10.71
CA PHE A 77 6.08 -18.99 12.02
C PHE A 77 4.67 -19.57 12.16
N THR A 78 4.37 -20.18 13.29
CA THR A 78 3.03 -20.72 13.48
C THR A 78 2.40 -20.07 14.70
N THR A 79 1.08 -19.98 14.71
CA THR A 79 0.37 -19.40 15.85
C THR A 79 -0.89 -20.23 15.92
N SER A 80 -1.80 -19.92 16.85
CA SER A 80 -3.03 -20.69 16.94
C SER A 80 -4.20 -19.91 17.49
N SER A 81 -5.38 -20.48 17.33
CA SER A 81 -6.61 -19.90 17.85
C SER A 81 -7.67 -20.98 18.00
N GLU A 82 -8.30 -21.03 19.17
CA GLU A 82 -9.35 -22.01 19.47
C GLU A 82 -8.96 -23.40 18.97
N ASN A 83 -7.78 -23.86 19.38
CA ASN A 83 -7.25 -25.17 19.02
C ASN A 83 -6.91 -25.52 17.56
N ARG A 84 -6.77 -24.50 16.72
CA ARG A 84 -6.37 -24.73 15.33
C ARG A 84 -5.05 -24.02 15.07
N GLU A 85 -4.15 -24.65 14.31
CA GLU A 85 -2.86 -24.02 14.02
C GLU A 85 -2.91 -23.24 12.70
N TYR A 86 -2.20 -22.12 12.67
CA TYR A 86 -2.13 -21.26 11.50
C TYR A 86 -0.68 -20.92 11.20
N CYS A 87 -0.35 -20.75 9.93
CA CYS A 87 1.01 -20.38 9.56
C CYS A 87 1.01 -19.00 8.96
N ILE A 88 1.94 -18.15 9.42
CA ILE A 88 2.11 -16.82 8.89
C ILE A 88 2.68 -17.10 7.51
N LYS A 89 2.05 -16.57 6.47
CA LYS A 89 2.51 -16.87 5.12
C LYS A 89 3.95 -16.46 4.80
N PRO A 90 4.71 -17.41 4.22
CA PRO A 90 6.09 -17.26 3.80
C PRO A 90 6.11 -17.01 2.31
N MET A 91 4.94 -17.10 1.68
CA MET A 91 4.79 -16.89 0.23
C MET A 91 3.33 -16.57 -0.09
N ASN A 92 3.08 -15.99 -1.26
CA ASN A 92 1.73 -15.63 -1.68
C ASN A 92 1.07 -16.65 -2.62
N CYS A 93 1.84 -17.61 -3.11
CA CYS A 93 1.34 -18.61 -4.07
C CYS A 93 0.00 -19.26 -3.72
N PRO A 94 -0.08 -19.96 -2.57
CA PRO A 94 -1.33 -20.61 -2.16
C PRO A 94 -2.51 -19.66 -2.07
N GLY A 95 -2.27 -18.47 -1.50
CA GLY A 95 -3.34 -17.50 -1.39
C GLY A 95 -3.89 -17.09 -2.75
N HIS A 96 -3.01 -16.94 -3.74
CA HIS A 96 -3.48 -16.56 -5.07
C HIS A 96 -4.28 -17.68 -5.74
N VAL A 97 -4.04 -18.92 -5.33
CA VAL A 97 -4.78 -20.04 -5.89
C VAL A 97 -6.17 -20.01 -5.26
N GLN A 98 -6.23 -19.65 -3.99
CA GLN A 98 -7.52 -19.57 -3.31
C GLN A 98 -8.40 -18.54 -4.01
N ILE A 99 -7.79 -17.46 -4.47
CA ILE A 99 -8.57 -16.44 -5.17
C ILE A 99 -9.04 -16.95 -6.54
N PHE A 100 -8.16 -17.68 -7.23
CA PHE A 100 -8.48 -18.26 -8.54
C PHE A 100 -9.66 -19.24 -8.40
N ASN A 101 -9.61 -20.07 -7.35
CA ASN A 101 -10.62 -21.08 -7.05
C ASN A 101 -12.03 -20.52 -6.78
N GLN A 102 -12.13 -19.20 -6.62
CA GLN A 102 -13.44 -18.55 -6.37
C GLN A 102 -14.09 -18.14 -7.68
N GLY A 103 -15.06 -18.94 -8.12
CA GLY A 103 -15.74 -18.67 -9.38
C GLY A 103 -15.27 -19.64 -10.44
N LEU A 104 -16.18 -20.11 -11.28
CA LEU A 104 -15.85 -21.04 -12.35
C LEU A 104 -14.96 -20.34 -13.37
N LYS A 105 -13.82 -20.97 -13.70
CA LYS A 105 -12.91 -20.39 -14.67
C LYS A 105 -12.93 -21.18 -15.97
N SER A 106 -12.72 -20.48 -17.09
CA SER A 106 -12.71 -21.13 -18.41
C SER A 106 -11.50 -20.61 -19.18
N TYR A 107 -11.21 -21.21 -20.32
CA TYR A 107 -10.09 -20.78 -21.14
C TYR A 107 -10.26 -19.29 -21.49
N ARG A 108 -11.50 -18.82 -21.47
CA ARG A 108 -11.77 -17.43 -21.78
C ARG A 108 -11.16 -16.49 -20.76
N ASP A 109 -10.82 -17.01 -19.59
CA ASP A 109 -10.22 -16.18 -18.55
C ASP A 109 -8.70 -16.16 -18.61
N LEU A 110 -8.11 -17.21 -19.15
CA LEU A 110 -6.66 -17.29 -19.25
C LEU A 110 -6.15 -16.50 -20.45
N PRO A 111 -4.93 -15.94 -20.35
CA PRO A 111 -4.06 -16.01 -19.18
C PRO A 111 -4.56 -15.04 -18.10
N LEU A 112 -4.53 -15.48 -16.85
CA LEU A 112 -4.99 -14.64 -15.74
C LEU A 112 -3.74 -14.23 -14.94
N ARG A 113 -3.41 -12.95 -14.96
CA ARG A 113 -2.23 -12.42 -14.26
C ARG A 113 -2.59 -11.78 -12.92
N MET A 114 -2.08 -12.36 -11.85
CA MET A 114 -2.38 -11.88 -10.50
C MET A 114 -1.16 -11.43 -9.68
N ALA A 115 -1.08 -10.14 -9.40
CA ALA A 115 0.04 -9.59 -8.63
C ALA A 115 -0.37 -9.17 -7.22
N GLU A 116 0.62 -9.05 -6.34
CA GLU A 116 0.39 -8.63 -4.97
C GLU A 116 1.68 -8.17 -4.28
N PHE A 117 1.58 -7.13 -3.45
CA PHE A 117 2.70 -6.64 -2.62
C PHE A 117 2.24 -7.11 -1.25
N GLY A 118 2.48 -8.38 -0.94
CA GLY A 118 2.03 -8.90 0.33
C GLY A 118 3.19 -9.36 1.16
N SER A 119 3.30 -8.83 2.37
CA SER A 119 4.42 -9.18 3.21
C SER A 119 4.40 -10.64 3.63
N CYS A 120 5.58 -11.25 3.56
CA CYS A 120 5.78 -12.64 3.92
C CYS A 120 6.82 -12.71 5.02
N HIS A 121 6.74 -13.78 5.81
CA HIS A 121 7.69 -13.96 6.90
C HIS A 121 8.29 -15.37 6.89
N ARG A 122 9.57 -15.43 7.23
CA ARG A 122 10.30 -16.70 7.28
C ARG A 122 11.13 -16.59 8.54
N ASN A 123 11.13 -17.63 9.37
CA ASN A 123 11.88 -17.61 10.61
C ASN A 123 13.38 -17.83 10.40
N GLU A 124 14.00 -17.00 9.57
CA GLU A 124 15.43 -17.10 9.27
C GLU A 124 16.28 -17.02 10.53
N PRO A 125 17.39 -17.78 10.57
CA PRO A 125 18.27 -17.76 11.75
C PRO A 125 18.74 -16.32 11.99
N SER A 126 18.58 -15.84 13.21
CA SER A 126 18.95 -14.47 13.56
C SER A 126 20.38 -14.08 13.20
N GLY A 127 21.29 -15.06 13.25
CA GLY A 127 22.68 -14.79 12.94
C GLY A 127 22.93 -14.42 11.49
N SER A 128 22.10 -14.95 10.61
CA SER A 128 22.23 -14.68 9.18
C SER A 128 21.54 -13.38 8.73
N LEU A 129 20.88 -12.68 9.65
CA LEU A 129 20.18 -11.43 9.34
C LEU A 129 21.17 -10.29 9.08
N HIS A 130 20.90 -9.48 8.06
CA HIS A 130 21.82 -8.39 7.72
C HIS A 130 21.09 -7.23 7.04
N GLY A 131 21.03 -6.08 7.73
CA GLY A 131 20.37 -4.90 7.21
C GLY A 131 19.05 -5.14 6.49
N LEU A 132 18.94 -4.63 5.26
CA LEU A 132 17.76 -4.80 4.41
C LEU A 132 17.92 -5.99 3.46
N MET A 133 19.13 -6.55 3.40
CA MET A 133 19.45 -7.67 2.51
C MET A 133 18.94 -9.05 2.90
N ARG A 134 19.08 -9.42 4.17
CA ARG A 134 18.59 -10.72 4.66
C ARG A 134 17.68 -10.38 5.84
N VAL A 135 16.38 -10.54 5.65
CA VAL A 135 15.38 -10.21 6.68
C VAL A 135 14.40 -11.36 6.92
N ARG A 136 13.56 -11.22 7.95
CA ARG A 136 12.53 -12.21 8.23
C ARG A 136 11.22 -11.76 7.58
N GLY A 137 10.95 -10.46 7.61
CA GLY A 137 9.73 -9.94 7.01
C GLY A 137 10.07 -9.24 5.71
N PHE A 138 9.50 -9.68 4.61
CA PHE A 138 9.83 -9.08 3.32
C PHE A 138 8.62 -9.02 2.39
N THR A 139 8.67 -8.09 1.44
CA THR A 139 7.61 -7.87 0.48
C THR A 139 8.19 -7.96 -0.91
N GLN A 140 7.82 -8.99 -1.67
CA GLN A 140 8.32 -9.11 -3.03
C GLN A 140 7.33 -8.52 -4.02
N ASP A 141 7.80 -8.18 -5.22
CA ASP A 141 6.94 -7.64 -6.26
C ASP A 141 6.46 -8.92 -6.96
N ASP A 142 5.73 -9.72 -6.18
CA ASP A 142 5.21 -11.03 -6.57
C ASP A 142 3.98 -11.00 -7.45
N ALA A 143 3.85 -12.02 -8.29
CA ALA A 143 2.71 -12.17 -9.17
C ALA A 143 2.65 -13.61 -9.65
N HIS A 144 1.47 -14.02 -10.11
CA HIS A 144 1.27 -15.36 -10.62
C HIS A 144 0.43 -15.32 -11.86
N ILE A 145 0.85 -16.07 -12.86
CA ILE A 145 0.13 -16.13 -14.11
C ILE A 145 -0.42 -17.54 -14.28
N PHE A 146 -1.73 -17.64 -14.42
CA PHE A 146 -2.40 -18.94 -14.64
C PHE A 146 -2.66 -18.98 -16.12
N CYS A 147 -2.17 -20.02 -16.79
CA CYS A 147 -2.37 -20.12 -18.23
C CYS A 147 -2.36 -21.56 -18.73
N THR A 148 -2.62 -21.71 -20.03
CA THR A 148 -2.61 -23.01 -20.66
C THR A 148 -1.18 -23.19 -21.16
N GLU A 149 -0.74 -24.42 -21.37
CA GLU A 149 0.61 -24.67 -21.86
C GLU A 149 0.89 -23.97 -23.19
N GLU A 150 -0.17 -23.76 -23.98
CA GLU A 150 -0.03 -23.11 -25.28
C GLU A 150 0.17 -21.60 -25.13
N GLN A 151 0.17 -21.13 -23.89
CA GLN A 151 0.35 -19.70 -23.63
C GLN A 151 1.67 -19.41 -22.94
N ILE A 152 2.22 -20.42 -22.26
CA ILE A 152 3.48 -20.30 -21.54
C ILE A 152 4.54 -19.45 -22.23
N ARG A 153 4.94 -19.86 -23.44
CA ARG A 153 5.97 -19.15 -24.17
C ARG A 153 5.70 -17.66 -24.30
N ASP A 154 4.49 -17.29 -24.70
CA ASP A 154 4.14 -15.87 -24.83
C ASP A 154 4.16 -15.17 -23.47
N GLU A 155 3.81 -15.91 -22.43
CA GLU A 155 3.79 -15.35 -21.08
C GLU A 155 5.20 -15.10 -20.59
N VAL A 156 6.11 -16.04 -20.86
CA VAL A 156 7.49 -15.88 -20.44
C VAL A 156 8.12 -14.68 -21.13
N ASN A 157 7.83 -14.51 -22.42
CA ASN A 157 8.37 -13.38 -23.16
C ASN A 157 7.84 -12.09 -22.56
N GLY A 158 6.65 -12.17 -21.97
CA GLY A 158 6.06 -11.02 -21.33
C GLY A 158 6.87 -10.66 -20.10
N CYS A 159 7.22 -11.69 -19.32
CA CYS A 159 8.00 -11.48 -18.11
C CYS A 159 9.42 -11.02 -18.44
N ILE A 160 9.96 -11.52 -19.54
CA ILE A 160 11.31 -11.16 -19.98
C ILE A 160 11.38 -9.67 -20.26
N ARG A 161 10.39 -9.19 -21.02
CA ARG A 161 10.35 -7.79 -21.42
C ARG A 161 10.20 -6.88 -20.23
N LEU A 162 9.42 -7.32 -19.25
CA LEU A 162 9.19 -6.55 -18.05
C LEU A 162 10.49 -6.46 -17.25
N VAL A 163 11.22 -7.56 -17.18
CA VAL A 163 12.46 -7.60 -16.43
C VAL A 163 13.40 -6.49 -16.89
N TYR A 164 13.83 -6.56 -18.16
CA TYR A 164 14.73 -5.55 -18.69
C TYR A 164 14.12 -4.16 -18.70
N ASP A 165 12.79 -4.09 -18.78
CA ASP A 165 12.11 -2.80 -18.77
C ASP A 165 12.32 -2.15 -17.40
N MET A 166 12.04 -2.88 -16.32
CA MET A 166 12.20 -2.32 -14.99
C MET A 166 13.65 -2.10 -14.60
N TYR A 167 14.51 -3.06 -14.90
CA TYR A 167 15.92 -2.91 -14.56
C TYR A 167 16.54 -1.69 -15.21
N SER A 168 16.19 -1.40 -16.45
CA SER A 168 16.76 -0.24 -17.12
C SER A 168 16.39 1.08 -16.45
N THR A 169 15.21 1.14 -15.82
CA THR A 169 14.80 2.38 -15.14
C THR A 169 15.78 2.81 -14.04
N PHE A 170 16.36 1.84 -13.35
CA PHE A 170 17.32 2.13 -12.29
C PHE A 170 18.77 2.19 -12.82
N GLY A 171 18.93 2.11 -14.13
CA GLY A 171 20.26 2.16 -14.70
C GLY A 171 20.99 0.82 -14.76
N PHE A 172 20.32 -0.29 -14.49
CA PHE A 172 21.00 -1.57 -14.55
C PHE A 172 20.89 -2.18 -15.95
N GLU A 173 22.01 -2.24 -16.67
CA GLU A 173 22.04 -2.76 -18.03
C GLU A 173 22.74 -4.12 -18.17
N LYS A 174 23.65 -4.42 -17.25
CA LYS A 174 24.36 -5.69 -17.29
C LYS A 174 23.53 -6.72 -16.53
N ILE A 175 22.92 -7.63 -17.28
CA ILE A 175 22.08 -8.67 -16.72
C ILE A 175 22.51 -10.06 -17.19
N VAL A 176 22.82 -10.95 -16.25
CA VAL A 176 23.20 -12.32 -16.56
C VAL A 176 21.98 -13.21 -16.37
N VAL A 177 21.81 -14.19 -17.26
CA VAL A 177 20.67 -15.09 -17.17
C VAL A 177 21.07 -16.55 -16.98
N LYS A 178 20.28 -17.29 -16.20
CA LYS A 178 20.53 -18.69 -15.93
C LYS A 178 19.23 -19.50 -15.94
N LEU A 179 19.17 -20.52 -16.79
CA LEU A 179 17.99 -21.38 -16.90
C LEU A 179 18.23 -22.72 -16.21
N SER A 180 17.79 -22.83 -14.96
CA SER A 180 17.96 -24.05 -14.19
C SER A 180 17.06 -25.17 -14.70
N THR A 181 17.68 -26.31 -15.02
CA THR A 181 16.96 -27.46 -15.56
C THR A 181 16.54 -28.53 -14.55
N ARG A 182 15.83 -29.53 -15.07
CA ARG A 182 15.30 -30.66 -14.30
C ARG A 182 16.21 -31.30 -13.26
N PRO A 183 15.80 -31.30 -11.99
CA PRO A 183 16.59 -31.89 -10.91
C PRO A 183 16.29 -33.39 -10.81
N GLU A 184 17.14 -34.12 -10.07
CA GLU A 184 16.95 -35.56 -9.91
C GLU A 184 15.56 -35.93 -9.39
N LYS A 185 15.12 -35.25 -8.34
CA LYS A 185 13.81 -35.51 -7.76
C LYS A 185 12.81 -34.45 -8.23
N ARG A 186 12.02 -34.79 -9.24
CA ARG A 186 11.02 -33.88 -9.78
C ARG A 186 9.64 -34.51 -9.84
N ILE A 187 8.65 -33.71 -10.27
CA ILE A 187 7.28 -34.19 -10.37
C ILE A 187 6.77 -33.95 -11.78
N GLY A 188 7.00 -34.92 -12.66
CA GLY A 188 6.55 -34.78 -14.03
C GLY A 188 7.32 -35.68 -14.97
N SER A 189 6.73 -35.97 -16.13
CA SER A 189 7.37 -36.82 -17.11
C SER A 189 8.51 -36.06 -17.77
N ASP A 190 9.56 -36.78 -18.18
CA ASP A 190 10.70 -36.16 -18.83
C ASP A 190 10.21 -35.44 -20.07
N GLU A 191 9.05 -35.88 -20.54
CA GLU A 191 8.40 -35.30 -21.72
C GLU A 191 7.99 -33.88 -21.34
N MET A 192 7.35 -33.77 -20.17
CA MET A 192 6.88 -32.49 -19.64
C MET A 192 7.99 -31.44 -19.64
N TRP A 193 9.04 -31.71 -18.88
CA TRP A 193 10.17 -30.80 -18.80
C TRP A 193 10.73 -30.45 -20.16
N ASP A 194 10.77 -31.42 -21.07
CA ASP A 194 11.28 -31.15 -22.42
C ASP A 194 10.54 -29.94 -22.99
N ARG A 195 9.23 -29.98 -22.92
CA ARG A 195 8.39 -28.88 -23.41
C ARG A 195 8.63 -27.63 -22.55
N ALA A 196 8.56 -27.81 -21.23
CA ALA A 196 8.75 -26.71 -20.29
C ALA A 196 10.05 -25.95 -20.51
N GLU A 197 11.16 -26.68 -20.48
CA GLU A 197 12.47 -26.07 -20.68
C GLU A 197 12.59 -25.47 -22.07
N ALA A 198 11.93 -26.10 -23.03
CA ALA A 198 11.96 -25.61 -24.41
C ALA A 198 11.33 -24.21 -24.42
N ASP A 199 10.19 -24.09 -23.74
CA ASP A 199 9.47 -22.83 -23.65
C ASP A 199 10.37 -21.73 -23.09
N LEU A 200 11.09 -22.06 -22.02
CA LEU A 200 11.99 -21.10 -21.39
C LEU A 200 13.13 -20.69 -22.32
N ALA A 201 13.78 -21.67 -22.95
CA ALA A 201 14.90 -21.37 -23.85
C ALA A 201 14.47 -20.63 -25.11
N VAL A 202 13.37 -21.08 -25.74
CA VAL A 202 12.90 -20.42 -26.95
C VAL A 202 12.50 -18.99 -26.64
N ALA A 203 11.86 -18.79 -25.50
CA ALA A 203 11.42 -17.47 -25.07
C ALA A 203 12.62 -16.54 -24.90
N LEU A 204 13.70 -17.06 -24.33
CA LEU A 204 14.90 -16.26 -24.13
C LEU A 204 15.54 -15.89 -25.47
N GLU A 205 15.36 -16.77 -26.46
CA GLU A 205 15.91 -16.54 -27.79
C GLU A 205 15.12 -15.50 -28.57
N GLU A 206 13.79 -15.58 -28.48
CA GLU A 206 12.94 -14.60 -29.18
C GLU A 206 13.27 -13.19 -28.70
N ASN A 207 14.09 -13.08 -27.66
CA ASN A 207 14.48 -11.79 -27.11
C ASN A 207 15.99 -11.56 -27.21
N ASN A 208 16.68 -12.51 -27.85
CA ASN A 208 18.13 -12.44 -28.03
C ASN A 208 18.83 -12.24 -26.70
N ILE A 209 18.66 -13.21 -25.82
CA ILE A 209 19.28 -13.11 -24.52
C ILE A 209 20.15 -14.31 -24.19
N PRO A 210 21.47 -14.11 -24.21
CA PRO A 210 22.44 -15.17 -23.91
C PRO A 210 22.15 -15.72 -22.52
N PHE A 211 22.34 -17.02 -22.34
CA PHE A 211 22.08 -17.62 -21.03
C PHE A 211 22.82 -18.93 -20.83
N GLU A 212 23.01 -19.31 -19.57
CA GLU A 212 23.68 -20.56 -19.24
C GLU A 212 22.68 -21.42 -18.48
N TYR A 213 22.99 -22.70 -18.34
CA TYR A 213 22.10 -23.61 -17.64
C TYR A 213 22.63 -24.04 -16.29
N GLN A 214 21.76 -24.14 -15.30
CA GLN A 214 22.15 -24.61 -13.99
C GLN A 214 21.54 -26.01 -13.86
N LEU A 215 22.15 -26.93 -14.60
CA LEU A 215 21.77 -28.34 -14.68
C LEU A 215 21.26 -28.97 -13.39
N GLY A 216 20.07 -29.55 -13.45
CA GLY A 216 19.49 -30.21 -12.29
C GLY A 216 19.19 -29.30 -11.12
N GLU A 217 19.15 -28.00 -11.36
CA GLU A 217 18.87 -27.04 -10.28
C GLU A 217 17.50 -26.40 -10.36
N GLY A 218 16.59 -27.02 -11.10
CA GLY A 218 15.25 -26.50 -11.21
C GLY A 218 14.46 -27.00 -10.02
N ALA A 219 13.26 -26.48 -9.82
CA ALA A 219 12.44 -26.92 -8.71
C ALA A 219 11.80 -28.25 -9.11
N PHE A 220 11.31 -29.00 -8.14
CA PHE A 220 10.69 -30.28 -8.43
C PHE A 220 9.37 -30.12 -9.18
N TYR A 221 8.87 -28.87 -9.26
CA TYR A 221 7.61 -28.61 -9.94
C TYR A 221 7.75 -27.89 -11.29
N GLY A 222 8.99 -27.62 -11.70
CA GLY A 222 9.18 -26.96 -12.97
C GLY A 222 10.51 -26.26 -13.09
N PRO A 223 10.95 -25.94 -14.32
CA PRO A 223 12.22 -25.27 -14.60
C PRO A 223 12.02 -23.77 -14.36
N LYS A 224 13.12 -23.02 -14.26
CA LYS A 224 13.02 -21.58 -14.01
C LYS A 224 14.16 -20.77 -14.64
N ILE A 225 13.95 -19.47 -14.73
CA ILE A 225 14.94 -18.54 -15.26
C ILE A 225 15.19 -17.51 -14.17
N GLU A 226 16.46 -17.22 -13.88
CA GLU A 226 16.80 -16.23 -12.88
C GLU A 226 17.65 -15.14 -13.52
N PHE A 227 17.36 -13.90 -13.16
CA PHE A 227 18.08 -12.76 -13.71
C PHE A 227 18.95 -12.11 -12.64
N THR A 228 20.22 -11.91 -12.98
CA THR A 228 21.15 -11.32 -12.05
C THR A 228 21.65 -9.98 -12.56
N LEU A 229 21.43 -8.96 -11.72
CA LEU A 229 21.82 -7.58 -12.00
C LEU A 229 23.25 -7.32 -11.54
N TYR A 230 23.88 -6.31 -12.12
CA TYR A 230 25.22 -5.92 -11.71
C TYR A 230 25.17 -4.43 -11.43
N ASP A 231 25.61 -4.02 -10.25
CA ASP A 231 25.62 -2.60 -9.88
C ASP A 231 26.90 -1.93 -10.33
N CYS A 232 27.04 -0.65 -10.03
CA CYS A 232 28.20 0.11 -10.44
C CYS A 232 29.56 -0.34 -9.93
N LEU A 233 29.59 -1.13 -8.86
CA LEU A 233 30.87 -1.62 -8.34
C LEU A 233 31.11 -3.00 -8.95
N ASP A 234 30.24 -3.33 -9.90
CA ASP A 234 30.26 -4.59 -10.63
C ASP A 234 29.96 -5.80 -9.75
N ARG A 235 29.04 -5.62 -8.80
CA ARG A 235 28.63 -6.71 -7.92
C ARG A 235 27.35 -7.29 -8.50
N ALA A 236 27.18 -8.61 -8.36
CA ALA A 236 25.98 -9.26 -8.90
C ALA A 236 24.89 -9.43 -7.85
N TRP A 237 23.65 -9.24 -8.29
CA TRP A 237 22.51 -9.38 -7.41
C TRP A 237 21.43 -10.11 -8.17
N GLN A 238 21.12 -11.34 -7.75
CA GLN A 238 20.07 -12.08 -8.41
C GLN A 238 18.77 -11.50 -7.85
N CYS A 239 17.88 -11.04 -8.72
CA CYS A 239 16.62 -10.43 -8.30
C CYS A 239 15.41 -11.00 -9.04
N GLY A 240 15.58 -11.23 -10.33
CA GLY A 240 14.48 -11.74 -11.14
C GLY A 240 14.33 -13.24 -11.20
N THR A 241 13.08 -13.68 -11.18
CA THR A 241 12.74 -15.09 -11.25
C THR A 241 11.45 -15.30 -12.04
N VAL A 242 11.47 -16.32 -12.90
CA VAL A 242 10.33 -16.73 -13.72
C VAL A 242 10.31 -18.23 -13.55
N GLN A 243 9.47 -18.69 -12.62
CA GLN A 243 9.35 -20.09 -12.26
C GLN A 243 8.09 -20.78 -12.79
N LEU A 244 8.28 -21.86 -13.53
CA LEU A 244 7.17 -22.62 -14.07
C LEU A 244 6.74 -23.59 -12.97
N ASP A 245 5.45 -23.82 -12.85
CA ASP A 245 4.95 -24.70 -11.80
C ASP A 245 3.92 -25.64 -12.39
N PHE A 246 4.23 -26.94 -12.35
CA PHE A 246 3.34 -27.96 -12.90
C PHE A 246 2.69 -28.81 -11.82
N SER A 247 2.81 -28.40 -10.56
CA SER A 247 2.26 -29.17 -9.46
C SER A 247 1.41 -28.44 -8.43
N LEU A 248 1.56 -27.13 -8.29
CA LEU A 248 0.79 -26.42 -7.28
C LEU A 248 -0.70 -26.26 -7.63
N PRO A 249 -1.02 -25.85 -8.86
CA PRO A 249 -2.44 -25.71 -9.17
C PRO A 249 -3.21 -27.01 -8.93
N SER A 250 -2.55 -28.13 -9.20
CA SER A 250 -3.17 -29.45 -9.03
C SER A 250 -3.41 -29.79 -7.57
N ARG A 251 -2.39 -29.58 -6.73
CA ARG A 251 -2.53 -29.86 -5.30
C ARG A 251 -3.60 -29.03 -4.61
N LEU A 252 -3.89 -27.84 -5.15
CA LEU A 252 -4.89 -26.98 -4.55
C LEU A 252 -6.19 -26.95 -5.33
N SER A 253 -6.40 -27.99 -6.13
CA SER A 253 -7.60 -28.16 -6.93
C SER A 253 -8.05 -27.00 -7.81
N ALA A 254 -7.11 -26.40 -8.52
CA ALA A 254 -7.45 -25.29 -9.40
C ALA A 254 -7.76 -25.91 -10.76
N SER A 255 -8.72 -25.34 -11.47
CA SER A 255 -9.07 -25.86 -12.78
C SER A 255 -10.00 -24.92 -13.53
N TYR A 256 -10.22 -25.22 -14.80
CA TYR A 256 -11.08 -24.41 -15.64
C TYR A 256 -11.62 -25.26 -16.80
N VAL A 257 -12.72 -24.82 -17.39
CA VAL A 257 -13.32 -25.52 -18.52
C VAL A 257 -12.68 -25.00 -19.81
N GLY A 258 -11.91 -25.85 -20.47
CA GLY A 258 -11.25 -25.44 -21.70
C GLY A 258 -12.22 -25.21 -22.86
N GLU A 259 -11.70 -24.72 -23.98
CA GLU A 259 -12.54 -24.49 -25.15
C GLU A 259 -13.13 -25.81 -25.61
N ASP A 260 -12.50 -26.91 -25.20
CA ASP A 260 -12.97 -28.24 -25.53
C ASP A 260 -13.89 -28.72 -24.43
N ASN A 261 -14.74 -27.79 -23.97
CA ASN A 261 -15.72 -28.03 -22.91
C ASN A 261 -15.31 -29.01 -21.82
N GLU A 262 -14.02 -29.31 -21.74
CA GLU A 262 -13.48 -30.22 -20.73
C GLU A 262 -12.87 -29.44 -19.56
N ARG A 263 -12.46 -30.17 -18.54
CA ARG A 263 -11.87 -29.59 -17.35
C ARG A 263 -10.37 -29.84 -17.29
N LYS A 264 -9.59 -28.77 -17.32
CA LYS A 264 -8.14 -28.86 -17.25
C LYS A 264 -7.56 -28.11 -16.06
N VAL A 265 -6.29 -28.39 -15.76
CA VAL A 265 -5.58 -27.72 -14.68
C VAL A 265 -4.66 -26.70 -15.32
N PRO A 266 -4.81 -25.42 -14.97
CA PRO A 266 -3.96 -24.38 -15.56
C PRO A 266 -2.50 -24.50 -15.17
N VAL A 267 -1.62 -23.93 -15.98
CA VAL A 267 -0.19 -23.91 -15.69
C VAL A 267 0.00 -22.66 -14.82
N MET A 268 0.94 -22.71 -13.89
CA MET A 268 1.18 -21.57 -13.01
C MET A 268 2.60 -21.01 -13.11
N ILE A 269 2.71 -19.73 -13.44
CA ILE A 269 4.01 -19.08 -13.52
C ILE A 269 4.19 -18.15 -12.32
N HIS A 270 5.33 -18.29 -11.65
CA HIS A 270 5.66 -17.44 -10.51
C HIS A 270 6.72 -16.48 -11.03
N ARG A 271 6.49 -15.19 -10.88
CA ARG A 271 7.48 -14.22 -11.34
C ARG A 271 7.58 -13.02 -10.41
N ALA A 272 8.82 -12.55 -10.24
CA ALA A 272 9.15 -11.39 -9.43
C ALA A 272 10.32 -10.78 -10.17
N ILE A 273 10.32 -9.46 -10.28
CA ILE A 273 11.37 -8.74 -10.97
C ILE A 273 12.43 -8.19 -10.01
N LEU A 274 11.99 -7.39 -9.04
CA LEU A 274 12.91 -6.82 -8.09
C LEU A 274 13.29 -7.83 -7.01
N GLY A 275 12.35 -8.73 -6.70
CA GLY A 275 12.56 -9.71 -5.65
C GLY A 275 12.12 -8.97 -4.38
N SER A 276 12.79 -9.21 -3.26
CA SER A 276 12.44 -8.53 -2.03
C SER A 276 12.61 -7.02 -2.19
N MET A 277 11.55 -6.26 -1.95
CA MET A 277 11.65 -4.83 -2.12
C MET A 277 12.52 -4.17 -1.06
N GLU A 278 12.55 -4.74 0.15
CA GLU A 278 13.40 -4.21 1.19
C GLU A 278 14.84 -4.32 0.68
N ARG A 279 15.19 -5.50 0.16
CA ARG A 279 16.52 -5.74 -0.38
C ARG A 279 16.83 -4.84 -1.57
N PHE A 280 15.85 -4.68 -2.46
CA PHE A 280 16.07 -3.84 -3.63
C PHE A 280 16.41 -2.40 -3.22
N ILE A 281 15.73 -1.89 -2.20
CA ILE A 281 16.01 -0.53 -1.75
C ILE A 281 17.44 -0.50 -1.21
N GLY A 282 17.87 -1.58 -0.57
CA GLY A 282 19.23 -1.61 -0.05
C GLY A 282 20.23 -1.57 -1.21
N ILE A 283 19.94 -2.29 -2.28
CA ILE A 283 20.82 -2.32 -3.45
C ILE A 283 20.90 -0.94 -4.12
N LEU A 284 19.76 -0.26 -4.23
CA LEU A 284 19.70 1.08 -4.83
C LEU A 284 20.42 2.10 -3.94
N THR A 285 20.28 1.93 -2.63
CA THR A 285 20.93 2.85 -1.70
C THR A 285 22.44 2.83 -1.92
N GLU A 286 22.99 1.63 -2.12
CA GLU A 286 24.43 1.51 -2.34
C GLU A 286 24.80 1.91 -3.75
N GLU A 287 23.96 1.56 -4.73
CA GLU A 287 24.20 1.91 -6.12
C GLU A 287 24.25 3.44 -6.29
N PHE A 288 23.35 4.16 -5.64
CA PHE A 288 23.32 5.63 -5.77
C PHE A 288 24.13 6.32 -4.69
N ALA A 289 24.65 5.54 -3.74
CA ALA A 289 25.43 6.08 -2.63
C ALA A 289 24.56 7.08 -1.88
N GLY A 290 23.27 6.80 -1.80
CA GLY A 290 22.37 7.69 -1.10
C GLY A 290 21.82 8.82 -1.96
N PHE A 291 22.37 9.01 -3.16
CA PHE A 291 21.89 10.07 -4.05
C PHE A 291 20.76 9.52 -4.92
N PHE A 292 19.61 9.30 -4.29
CA PHE A 292 18.46 8.76 -4.98
C PHE A 292 17.95 9.70 -6.08
N PRO A 293 17.59 9.13 -7.25
CA PRO A 293 17.06 9.97 -8.34
C PRO A 293 15.87 10.73 -7.76
N THR A 294 15.58 11.91 -8.30
CA THR A 294 14.50 12.71 -7.75
C THR A 294 13.15 12.04 -7.52
N TRP A 295 12.74 11.14 -8.42
CA TRP A 295 11.45 10.47 -8.24
C TRP A 295 11.38 9.58 -6.97
N LEU A 296 12.55 9.14 -6.50
CA LEU A 296 12.65 8.29 -5.29
C LEU A 296 13.05 9.06 -4.03
N ALA A 297 13.67 10.23 -4.18
CA ALA A 297 14.15 11.00 -3.03
C ALA A 297 13.09 11.31 -2.01
N PRO A 298 13.34 10.95 -0.74
CA PRO A 298 12.38 11.21 0.34
C PRO A 298 11.88 12.63 0.29
N VAL A 299 12.82 13.56 0.16
CA VAL A 299 12.53 14.99 0.08
C VAL A 299 13.23 15.46 -1.18
N GLN A 300 12.43 15.92 -2.15
CA GLN A 300 12.94 16.34 -3.44
C GLN A 300 13.45 17.78 -3.46
N VAL A 301 12.83 18.63 -2.65
CA VAL A 301 13.19 20.03 -2.65
C VAL A 301 13.13 20.69 -1.28
N VAL A 302 14.15 21.48 -0.94
CA VAL A 302 14.11 22.23 0.28
C VAL A 302 14.23 23.71 -0.11
N ILE A 303 13.33 24.54 0.38
CA ILE A 303 13.36 25.97 0.09
C ILE A 303 13.79 26.67 1.36
N MET A 304 14.69 27.63 1.22
CA MET A 304 15.21 28.33 2.39
C MET A 304 15.34 29.84 2.24
N ASN A 305 15.18 30.52 3.36
CA ASN A 305 15.29 31.98 3.38
C ASN A 305 16.66 32.40 3.89
N ILE A 306 17.04 33.64 3.62
CA ILE A 306 18.32 34.16 4.11
C ILE A 306 18.05 34.72 5.50
N THR A 307 17.01 35.54 5.60
CA THR A 307 16.61 36.13 6.86
C THR A 307 15.13 35.92 7.01
N ASP A 308 14.61 36.09 8.22
CA ASP A 308 13.19 35.88 8.44
C ASP A 308 12.35 36.89 7.68
N SER A 309 12.98 37.58 6.74
CA SER A 309 12.30 38.57 5.93
C SER A 309 11.73 37.95 4.65
N GLN A 310 12.25 36.78 4.27
CA GLN A 310 11.74 36.10 3.08
C GLN A 310 10.87 34.90 3.53
N SER A 311 10.71 34.76 4.83
CA SER A 311 9.92 33.67 5.39
C SER A 311 8.56 33.50 4.71
N GLU A 312 7.80 34.58 4.68
CA GLU A 312 6.47 34.58 4.08
C GLU A 312 6.54 34.06 2.64
N TYR A 313 7.51 34.58 1.88
CA TYR A 313 7.68 34.17 0.49
C TYR A 313 8.04 32.68 0.39
N VAL A 314 8.86 32.21 1.31
CA VAL A 314 9.27 30.80 1.32
C VAL A 314 8.05 29.89 1.54
N ASN A 315 7.24 30.20 2.54
CA ASN A 315 6.04 29.40 2.83
C ASN A 315 5.12 29.37 1.62
N GLU A 316 4.98 30.54 0.98
CA GLU A 316 4.14 30.69 -0.20
C GLU A 316 4.58 29.72 -1.29
N LEU A 317 5.87 29.72 -1.60
CA LEU A 317 6.42 28.84 -2.63
C LEU A 317 6.35 27.37 -2.23
N THR A 318 6.50 27.10 -0.93
CA THR A 318 6.44 25.73 -0.43
C THR A 318 5.04 25.14 -0.69
N GLN A 319 4.00 25.94 -0.47
CA GLN A 319 2.63 25.46 -0.74
C GLN A 319 2.43 25.20 -2.22
N LYS A 320 3.00 26.06 -3.07
CA LYS A 320 2.86 25.89 -4.51
C LYS A 320 3.50 24.60 -5.00
N LEU A 321 4.74 24.34 -4.59
CA LEU A 321 5.40 23.11 -5.02
C LEU A 321 4.62 21.94 -4.43
N SER A 322 4.22 22.06 -3.17
CA SER A 322 3.47 20.98 -2.54
C SER A 322 2.17 20.66 -3.31
N ASN A 323 1.40 21.69 -3.65
CA ASN A 323 0.15 21.47 -4.39
C ASN A 323 0.48 20.90 -5.76
N ALA A 324 1.70 21.15 -6.22
CA ALA A 324 2.17 20.67 -7.49
C ALA A 324 2.58 19.20 -7.41
N GLY A 325 2.46 18.60 -6.23
CA GLY A 325 2.84 17.20 -6.11
C GLY A 325 4.31 16.93 -5.86
N ILE A 326 5.05 17.96 -5.45
CA ILE A 326 6.48 17.82 -5.20
C ILE A 326 6.70 17.70 -3.68
N ARG A 327 7.55 16.78 -3.25
CA ARG A 327 7.85 16.60 -1.82
C ARG A 327 8.79 17.75 -1.46
N VAL A 328 8.27 18.77 -0.80
CA VAL A 328 9.10 19.91 -0.50
C VAL A 328 9.02 20.26 0.96
N LYS A 329 10.08 20.87 1.48
CA LYS A 329 10.12 21.27 2.87
C LYS A 329 10.70 22.67 2.95
N ALA A 330 10.24 23.44 3.92
CA ALA A 330 10.73 24.80 4.12
C ALA A 330 11.74 24.81 5.28
N ASP A 331 12.90 25.45 5.07
CA ASP A 331 13.89 25.54 6.13
C ASP A 331 13.97 27.02 6.56
N LEU A 332 13.20 27.40 7.57
CA LEU A 332 13.20 28.78 8.04
C LEU A 332 13.98 28.95 9.32
N ARG A 333 14.84 27.99 9.64
CA ARG A 333 15.62 28.07 10.87
C ARG A 333 16.49 29.32 10.91
N ASN A 334 16.93 29.68 12.11
CA ASN A 334 17.78 30.85 12.25
C ASN A 334 19.21 30.34 12.10
N GLU A 335 19.58 30.06 10.84
CA GLU A 335 20.90 29.55 10.53
C GLU A 335 21.36 30.24 9.25
N LYS A 336 22.67 30.29 9.03
CA LYS A 336 23.20 30.90 7.82
C LYS A 336 22.79 30.04 6.63
N ILE A 337 22.60 30.68 5.48
CA ILE A 337 22.19 29.95 4.28
C ILE A 337 23.17 28.81 3.97
N GLY A 338 24.47 29.04 4.17
CA GLY A 338 25.45 28.01 3.90
C GLY A 338 25.32 26.82 4.84
N PHE A 339 24.89 27.06 6.07
CA PHE A 339 24.72 25.99 7.04
C PHE A 339 23.56 25.11 6.57
N LYS A 340 22.47 25.73 6.12
CA LYS A 340 21.30 25.01 5.64
C LYS A 340 21.66 24.21 4.40
N ILE A 341 22.28 24.85 3.42
CA ILE A 341 22.65 24.14 2.21
C ILE A 341 23.54 22.94 2.53
N ARG A 342 24.46 23.10 3.48
CA ARG A 342 25.37 22.00 3.84
C ARG A 342 24.58 20.81 4.40
N GLU A 343 23.64 21.10 5.30
CA GLU A 343 22.83 20.07 5.93
C GLU A 343 21.98 19.27 4.92
N HIS A 344 21.27 19.99 4.05
CA HIS A 344 20.42 19.33 3.06
C HIS A 344 21.22 18.60 2.00
N THR A 345 22.45 19.06 1.77
CA THR A 345 23.31 18.40 0.81
C THR A 345 23.73 17.04 1.37
N LEU A 346 24.06 17.03 2.67
CA LEU A 346 24.45 15.78 3.36
C LEU A 346 23.29 14.79 3.38
N ARG A 347 22.07 15.32 3.43
CA ARG A 347 20.83 14.55 3.41
C ARG A 347 20.48 14.12 1.98
N ARG A 348 21.30 14.56 1.02
CA ARG A 348 21.11 14.26 -0.40
C ARG A 348 19.80 14.75 -1.01
N VAL A 349 19.33 15.93 -0.59
CA VAL A 349 18.12 16.52 -1.15
C VAL A 349 18.49 16.97 -2.58
N PRO A 350 17.80 16.44 -3.59
CA PRO A 350 18.13 16.86 -4.97
C PRO A 350 18.24 18.37 -5.22
N TYR A 351 17.20 19.13 -4.91
CA TYR A 351 17.21 20.56 -5.17
C TYR A 351 17.02 21.44 -3.98
N MET A 352 17.68 22.58 -4.02
CA MET A 352 17.58 23.55 -2.96
C MET A 352 17.31 24.91 -3.61
N LEU A 353 16.24 25.57 -3.17
CA LEU A 353 15.89 26.86 -3.73
C LEU A 353 16.19 27.90 -2.67
N VAL A 354 17.03 28.88 -3.04
CA VAL A 354 17.39 29.93 -2.11
C VAL A 354 16.55 31.18 -2.36
N CYS A 355 16.04 31.76 -1.28
CA CYS A 355 15.21 32.95 -1.41
C CYS A 355 15.70 34.16 -0.61
N GLY A 356 16.32 35.11 -1.31
CA GLY A 356 16.78 36.33 -0.67
C GLY A 356 15.91 37.47 -1.16
N ASP A 357 16.12 38.70 -0.67
CA ASP A 357 15.31 39.85 -1.09
C ASP A 357 15.18 39.93 -2.61
N LYS A 358 16.30 39.66 -3.28
CA LYS A 358 16.38 39.67 -4.73
C LYS A 358 15.36 38.72 -5.38
N GLU A 359 15.23 37.53 -4.82
CA GLU A 359 14.29 36.54 -5.35
C GLU A 359 12.84 36.96 -5.07
N VAL A 360 12.61 37.51 -3.88
CA VAL A 360 11.27 37.96 -3.51
C VAL A 360 10.78 39.04 -4.47
N GLU A 361 11.66 39.99 -4.79
CA GLU A 361 11.32 41.10 -5.67
C GLU A 361 10.96 40.63 -7.07
N SER A 362 11.72 39.68 -7.58
CA SER A 362 11.49 39.19 -8.93
C SER A 362 10.50 38.05 -9.07
N GLY A 363 10.15 37.40 -7.96
CA GLY A 363 9.21 36.29 -8.04
C GLY A 363 9.87 35.05 -8.63
N LYS A 364 11.17 34.92 -8.35
CA LYS A 364 11.94 33.79 -8.84
C LYS A 364 12.62 33.07 -7.67
N VAL A 365 13.45 32.10 -7.98
CA VAL A 365 14.19 31.35 -6.97
C VAL A 365 15.55 30.97 -7.50
N ALA A 366 16.57 31.05 -6.63
CA ALA A 366 17.94 30.68 -7.00
C ALA A 366 18.00 29.17 -6.78
N VAL A 367 18.30 28.41 -7.83
CA VAL A 367 18.33 26.95 -7.76
C VAL A 367 19.72 26.31 -7.67
N ARG A 368 19.87 25.38 -6.73
CA ARG A 368 21.13 24.66 -6.53
C ARG A 368 20.87 23.16 -6.38
N THR A 369 21.84 22.32 -6.76
CA THR A 369 21.66 20.88 -6.62
C THR A 369 22.54 20.37 -5.48
N ARG A 370 22.31 19.13 -5.09
CA ARG A 370 23.05 18.50 -4.03
C ARG A 370 24.47 18.17 -4.53
N ARG A 371 24.70 18.34 -5.83
CA ARG A 371 26.03 18.05 -6.40
C ARG A 371 26.87 19.33 -6.45
N GLY A 372 26.39 20.38 -5.79
CA GLY A 372 27.11 21.65 -5.77
C GLY A 372 26.97 22.50 -7.04
N LYS A 373 25.91 22.26 -7.81
CA LYS A 373 25.70 23.02 -9.06
C LYS A 373 24.80 24.23 -8.93
N ASP A 374 25.23 25.34 -9.52
CA ASP A 374 24.46 26.59 -9.51
C ASP A 374 23.62 26.51 -10.78
N LEU A 375 22.30 26.41 -10.65
CA LEU A 375 21.43 26.30 -11.81
C LEU A 375 20.79 27.64 -12.17
N GLY A 376 21.28 28.70 -11.54
CA GLY A 376 20.77 30.03 -11.81
C GLY A 376 19.43 30.30 -11.16
N SER A 377 18.86 31.46 -11.46
CA SER A 377 17.56 31.80 -10.90
C SER A 377 16.53 31.32 -11.91
N MET A 378 15.36 30.93 -11.43
CA MET A 378 14.30 30.42 -12.30
C MET A 378 12.94 30.89 -11.83
N ASP A 379 11.95 30.95 -12.72
CA ASP A 379 10.62 31.31 -12.27
C ASP A 379 10.07 30.11 -11.54
N VAL A 380 9.24 30.28 -10.52
CA VAL A 380 8.63 29.17 -9.81
C VAL A 380 8.02 28.11 -10.73
N ASN A 381 7.21 28.55 -11.68
CA ASN A 381 6.58 27.57 -12.55
C ASN A 381 7.51 26.86 -13.52
N GLU A 382 8.65 27.48 -13.80
CA GLU A 382 9.62 26.85 -14.67
C GLU A 382 10.18 25.68 -13.86
N VAL A 383 10.49 25.94 -12.59
CA VAL A 383 11.04 24.93 -11.67
C VAL A 383 10.06 23.78 -11.54
N ILE A 384 8.82 24.10 -11.23
CA ILE A 384 7.77 23.09 -11.08
C ILE A 384 7.62 22.24 -12.32
N GLU A 385 7.65 22.87 -13.49
CA GLU A 385 7.51 22.11 -14.74
C GLU A 385 8.72 21.21 -14.95
N LYS A 386 9.91 21.73 -14.69
CA LYS A 386 11.11 20.94 -14.88
C LYS A 386 11.15 19.76 -13.92
N LEU A 387 10.75 19.97 -12.68
CA LEU A 387 10.74 18.92 -11.67
C LEU A 387 9.70 17.83 -11.97
N GLN A 388 8.49 18.24 -12.36
CA GLN A 388 7.44 17.27 -12.66
C GLN A 388 7.86 16.39 -13.81
N GLN A 389 8.59 16.97 -14.76
CA GLN A 389 9.07 16.22 -15.90
C GLN A 389 10.15 15.22 -15.47
N GLU A 390 11.03 15.65 -14.57
CA GLU A 390 12.12 14.78 -14.09
C GLU A 390 11.53 13.61 -13.27
N ILE A 391 10.48 13.91 -12.52
CA ILE A 391 9.81 12.90 -11.71
C ILE A 391 8.98 11.94 -12.56
N ARG A 392 8.14 12.51 -13.42
CA ARG A 392 7.28 11.72 -14.31
C ARG A 392 8.06 10.73 -15.18
N SER A 393 9.20 11.14 -15.72
CA SER A 393 9.99 10.24 -16.53
C SER A 393 10.92 9.36 -15.69
N ARG A 394 10.88 9.54 -14.38
CA ARG A 394 11.75 8.79 -13.47
C ARG A 394 13.21 8.86 -13.93
N SER A 395 13.61 10.06 -14.32
CA SER A 395 14.96 10.31 -14.80
C SER A 395 16.05 10.04 -13.75
N LEU A 396 17.07 9.30 -14.15
CA LEU A 396 18.18 8.97 -13.27
C LEU A 396 19.06 10.19 -13.00
N LYS A 397 19.06 11.16 -13.90
CA LYS A 397 19.89 12.35 -13.75
C LYS A 397 19.11 13.64 -13.55
N GLN A 398 19.74 14.58 -12.84
CA GLN A 398 19.13 15.87 -12.53
C GLN A 398 19.33 16.85 -13.68
N LEU A 399 18.69 18.01 -13.56
CA LEU A 399 18.79 19.08 -14.55
C LEU A 399 20.23 19.53 -14.76
N GLU A 400 20.71 19.45 -16.00
CA GLU A 400 22.04 19.92 -16.31
C GLU A 400 23.17 18.91 -16.25
N GLU A 401 22.91 17.71 -15.72
CA GLU A 401 23.97 16.71 -15.64
C GLU A 401 23.82 15.63 -16.71
N ARG B 1 -28.83 -4.47 0.55
CA ARG B 1 -27.73 -3.78 1.28
C ARG B 1 -26.96 -4.72 2.20
N ASP B 2 -26.70 -5.94 1.75
CA ASP B 2 -25.95 -6.93 2.52
C ASP B 2 -24.56 -6.96 1.89
N HIS B 3 -23.57 -6.38 2.56
CA HIS B 3 -22.22 -6.33 2.01
C HIS B 3 -21.65 -7.71 1.68
N ARG B 4 -22.09 -8.73 2.41
CA ARG B 4 -21.59 -10.08 2.13
C ARG B 4 -22.08 -10.57 0.78
N LYS B 5 -23.34 -10.28 0.45
CA LYS B 5 -23.92 -10.71 -0.81
C LYS B 5 -23.43 -9.83 -1.95
N ILE B 6 -23.39 -8.52 -1.71
CA ILE B 6 -22.91 -7.62 -2.74
C ILE B 6 -21.45 -7.96 -3.05
N GLY B 7 -20.68 -8.27 -2.01
CA GLY B 7 -19.28 -8.60 -2.17
C GLY B 7 -19.03 -9.82 -3.04
N LYS B 8 -19.94 -10.78 -2.99
CA LYS B 8 -19.79 -11.96 -3.81
C LYS B 8 -20.29 -11.62 -5.21
N GLN B 9 -21.37 -10.84 -5.28
CA GLN B 9 -21.95 -10.45 -6.56
C GLN B 9 -21.03 -9.59 -7.43
N LEU B 10 -20.31 -8.66 -6.83
CA LEU B 10 -19.40 -7.82 -7.60
C LEU B 10 -17.95 -8.30 -7.60
N ASP B 11 -17.73 -9.52 -7.11
CA ASP B 11 -16.40 -10.13 -7.05
C ASP B 11 -15.39 -9.23 -6.32
N LEU B 12 -15.82 -8.66 -5.20
CA LEU B 12 -14.96 -7.77 -4.42
C LEU B 12 -13.95 -8.50 -3.55
N TYR B 13 -14.44 -9.51 -2.83
CA TYR B 13 -13.58 -10.26 -1.93
C TYR B 13 -14.29 -11.56 -1.53
N HIS B 14 -13.62 -12.34 -0.69
CA HIS B 14 -14.21 -13.57 -0.18
C HIS B 14 -13.44 -13.99 1.08
N MET B 15 -14.06 -14.86 1.87
CA MET B 15 -13.46 -15.39 3.07
C MET B 15 -13.68 -16.89 3.03
N GLN B 16 -12.85 -17.64 3.74
CA GLN B 16 -13.00 -19.09 3.75
C GLN B 16 -12.58 -19.64 5.11
N GLU B 17 -13.13 -20.81 5.44
CA GLU B 17 -12.89 -21.47 6.71
C GLU B 17 -11.43 -21.64 7.15
N GLU B 18 -10.49 -21.74 6.21
CA GLU B 18 -9.11 -21.92 6.62
C GLU B 18 -8.45 -20.65 7.19
N ALA B 19 -9.15 -19.52 7.08
CA ALA B 19 -8.63 -18.28 7.64
C ALA B 19 -9.81 -17.45 8.13
N PRO B 20 -10.41 -17.84 9.26
CA PRO B 20 -11.56 -17.12 9.83
C PRO B 20 -11.27 -15.67 10.21
N GLY B 21 -12.17 -14.79 9.81
CA GLY B 21 -12.01 -13.38 10.12
C GLY B 21 -10.91 -12.66 9.35
N MET B 22 -10.46 -13.24 8.25
CA MET B 22 -9.40 -12.65 7.43
C MET B 22 -9.82 -12.63 5.97
N VAL B 23 -9.78 -11.44 5.37
CA VAL B 23 -10.22 -11.23 4.01
C VAL B 23 -9.24 -11.44 2.85
N PHE B 24 -9.78 -11.99 1.75
CA PHE B 24 -9.02 -12.18 0.52
C PHE B 24 -9.61 -11.11 -0.39
N TRP B 25 -8.80 -10.12 -0.75
CA TRP B 25 -9.31 -9.08 -1.63
C TRP B 25 -9.04 -9.41 -3.08
N HIS B 26 -10.12 -9.50 -3.85
CA HIS B 26 -10.02 -9.78 -5.28
C HIS B 26 -9.66 -8.46 -5.94
N ASN B 27 -9.32 -8.51 -7.22
CA ASN B 27 -8.94 -7.32 -7.96
C ASN B 27 -9.82 -6.11 -7.71
N ASP B 28 -11.13 -6.27 -7.92
CA ASP B 28 -12.06 -5.16 -7.76
C ASP B 28 -12.22 -4.64 -6.34
N GLY B 29 -12.21 -5.54 -5.35
CA GLY B 29 -12.32 -5.10 -3.97
C GLY B 29 -11.05 -4.38 -3.56
N TRP B 30 -9.89 -4.91 -3.99
CA TRP B 30 -8.60 -4.28 -3.65
C TRP B 30 -8.49 -2.89 -4.30
N THR B 31 -9.12 -2.71 -5.46
CA THR B 31 -9.09 -1.40 -6.15
C THR B 31 -9.80 -0.40 -5.23
N ILE B 32 -10.90 -0.82 -4.63
CA ILE B 32 -11.64 0.07 -3.74
C ILE B 32 -10.79 0.40 -2.50
N PHE B 33 -10.13 -0.63 -1.97
CA PHE B 33 -9.28 -0.49 -0.80
C PHE B 33 -8.16 0.52 -1.10
N ARG B 34 -7.52 0.35 -2.24
CA ARG B 34 -6.42 1.23 -2.60
C ARG B 34 -6.86 2.67 -2.81
N GLU B 35 -8.07 2.86 -3.34
CA GLU B 35 -8.55 4.21 -3.57
C GLU B 35 -8.84 4.87 -2.22
N LEU B 36 -9.34 4.10 -1.26
CA LEU B 36 -9.60 4.62 0.09
C LEU B 36 -8.28 5.07 0.69
N GLU B 37 -7.25 4.26 0.43
CA GLU B 37 -5.91 4.51 0.92
C GLU B 37 -5.38 5.81 0.34
N VAL B 38 -5.59 6.02 -0.97
CA VAL B 38 -5.15 7.25 -1.63
C VAL B 38 -5.86 8.42 -0.95
N PHE B 39 -7.14 8.26 -0.64
CA PHE B 39 -7.92 9.30 0.02
C PHE B 39 -7.35 9.60 1.41
N VAL B 40 -7.14 8.57 2.21
CA VAL B 40 -6.59 8.81 3.54
C VAL B 40 -5.25 9.53 3.41
N ARG B 41 -4.39 9.09 2.47
CA ARG B 41 -3.09 9.74 2.30
C ARG B 41 -3.25 11.22 1.91
N SER B 42 -4.28 11.56 1.14
CA SER B 42 -4.47 12.96 0.79
C SER B 42 -4.74 13.73 2.10
N LYS B 43 -5.44 13.09 3.04
CA LYS B 43 -5.71 13.75 4.30
C LYS B 43 -4.46 13.82 5.20
N LEU B 44 -3.65 12.76 5.15
CA LEU B 44 -2.42 12.74 5.96
C LEU B 44 -1.50 13.91 5.49
N LYS B 45 -1.50 14.17 4.20
CA LYS B 45 -0.68 15.26 3.68
C LYS B 45 -1.25 16.61 4.12
N GLU B 46 -2.54 16.80 3.90
CA GLU B 46 -3.21 18.05 4.28
C GLU B 46 -3.14 18.32 5.77
N TYR B 47 -3.27 17.28 6.59
CA TYR B 47 -3.21 17.46 8.03
C TYR B 47 -1.80 17.34 8.65
N GLN B 48 -0.79 17.25 7.79
CA GLN B 48 0.61 17.17 8.20
C GLN B 48 0.99 15.99 9.12
N TYR B 49 0.95 14.79 8.55
CA TYR B 49 1.30 13.56 9.27
C TYR B 49 2.41 12.90 8.48
N GLN B 50 3.30 12.23 9.18
CA GLN B 50 4.34 11.43 8.55
C GLN B 50 3.64 10.08 8.31
N GLU B 51 4.24 9.22 7.49
CA GLU B 51 3.67 7.88 7.32
C GLU B 51 4.85 6.91 7.41
N VAL B 52 4.70 5.91 8.27
CA VAL B 52 5.72 4.91 8.55
C VAL B 52 5.16 3.50 8.44
N LYS B 53 5.99 2.50 8.73
CA LYS B 53 5.55 1.11 8.71
C LYS B 53 6.36 0.40 9.79
N GLY B 54 5.67 -0.27 10.72
CA GLY B 54 6.35 -0.95 11.80
C GLY B 54 6.38 -2.46 11.62
N PRO B 55 7.14 -3.19 12.47
CA PRO B 55 7.23 -4.64 12.34
C PRO B 55 5.90 -5.36 12.62
N PHE B 56 5.71 -6.48 11.93
CA PHE B 56 4.50 -7.29 12.05
C PHE B 56 4.40 -7.98 13.43
N MET B 57 5.54 -8.22 14.05
CA MET B 57 5.54 -8.83 15.38
C MET B 57 6.69 -8.26 16.19
N MET B 58 6.56 -8.33 17.51
CA MET B 58 7.62 -7.85 18.39
C MET B 58 7.68 -8.76 19.61
N ASP B 59 8.85 -8.79 20.25
CA ASP B 59 9.11 -9.63 21.43
C ASP B 59 8.06 -9.45 22.55
N ARG B 60 7.57 -10.57 23.07
CA ARG B 60 6.58 -10.55 24.14
C ARG B 60 7.06 -9.69 25.29
N VAL B 61 8.37 -9.61 25.50
CA VAL B 61 8.88 -8.78 26.60
C VAL B 61 8.54 -7.31 26.37
N LEU B 62 8.46 -6.90 25.11
CA LEU B 62 8.08 -5.50 24.85
C LEU B 62 6.61 -5.33 25.24
N TRP B 63 5.79 -6.28 24.82
CA TRP B 63 4.37 -6.22 25.12
C TRP B 63 4.09 -6.32 26.62
N GLU B 64 5.00 -6.92 27.38
CA GLU B 64 4.78 -7.00 28.81
C GLU B 64 5.02 -5.62 29.38
N LYS B 65 6.03 -4.93 28.86
CA LYS B 65 6.35 -3.60 29.35
C LYS B 65 5.26 -2.57 29.12
N THR B 66 4.53 -2.70 28.02
CA THR B 66 3.47 -1.74 27.71
C THR B 66 2.23 -1.98 28.53
N GLY B 67 2.06 -3.22 29.00
CA GLY B 67 0.88 -3.57 29.75
C GLY B 67 -0.08 -4.38 28.88
N HIS B 68 0.25 -4.53 27.59
CA HIS B 68 -0.61 -5.31 26.69
C HIS B 68 -0.70 -6.79 27.13
N TRP B 69 0.40 -7.34 27.64
CA TRP B 69 0.35 -8.74 28.06
C TRP B 69 -0.60 -8.91 29.25
N ASP B 70 -0.52 -8.01 30.22
CA ASP B 70 -1.40 -8.12 31.38
C ASP B 70 -2.84 -7.77 31.11
N ASN B 71 -3.07 -6.78 30.26
CA ASN B 71 -4.43 -6.33 29.96
C ASN B 71 -4.98 -6.70 28.59
N TYR B 72 -4.17 -7.34 27.76
CA TYR B 72 -4.65 -7.62 26.40
C TYR B 72 -4.27 -8.99 25.87
N LYS B 73 -3.69 -9.81 26.74
CA LYS B 73 -3.23 -11.16 26.38
C LYS B 73 -4.20 -12.03 25.57
N ASP B 74 -5.47 -12.02 25.94
CA ASP B 74 -6.47 -12.85 25.26
C ASP B 74 -6.70 -12.56 23.79
N ALA B 75 -6.52 -11.30 23.40
CA ALA B 75 -6.73 -10.92 22.02
C ALA B 75 -5.50 -11.10 21.13
N MET B 76 -4.36 -11.46 21.71
CA MET B 76 -3.15 -11.56 20.91
C MET B 76 -2.71 -12.93 20.40
N PHE B 77 -2.26 -12.92 19.15
CA PHE B 77 -1.74 -14.13 18.51
C PHE B 77 -0.26 -14.15 18.88
N THR B 78 0.24 -15.31 19.30
CA THR B 78 1.64 -15.42 19.67
C THR B 78 2.35 -16.44 18.81
N THR B 79 3.66 -16.27 18.69
CA THR B 79 4.47 -17.17 17.92
C THR B 79 5.85 -17.16 18.56
N SER B 80 6.71 -18.08 18.14
CA SER B 80 8.03 -18.12 18.74
C SER B 80 9.13 -18.38 17.75
N SER B 81 10.35 -18.15 18.20
CA SER B 81 11.53 -18.37 17.38
C SER B 81 12.77 -18.26 18.27
N GLU B 82 13.62 -19.27 18.19
CA GLU B 82 14.87 -19.28 18.95
C GLU B 82 14.68 -19.06 20.44
N ASN B 83 13.71 -19.75 21.00
CA ASN B 83 13.42 -19.67 22.42
C ASN B 83 12.90 -18.31 22.85
N ARG B 84 12.33 -17.57 21.90
CA ARG B 84 11.76 -16.26 22.23
C ARG B 84 10.30 -16.26 21.80
N GLU B 85 9.49 -15.55 22.56
CA GLU B 85 8.06 -15.44 22.26
C GLU B 85 7.78 -14.09 21.62
N TYR B 86 6.92 -14.09 20.61
CA TYR B 86 6.56 -12.85 19.91
C TYR B 86 5.06 -12.69 19.77
N CYS B 87 4.57 -11.46 19.93
CA CYS B 87 3.15 -11.23 19.73
C CYS B 87 2.97 -10.59 18.37
N ILE B 88 2.10 -11.15 17.53
CA ILE B 88 1.81 -10.54 16.24
C ILE B 88 1.11 -9.27 16.70
N LYS B 89 1.46 -8.11 16.14
CA LYS B 89 0.88 -6.90 16.69
C LYS B 89 -0.63 -6.71 16.62
N PRO B 90 -1.24 -6.32 17.76
CA PRO B 90 -2.69 -6.10 17.79
C PRO B 90 -2.92 -4.58 17.60
N MET B 91 -1.85 -3.82 17.83
CA MET B 91 -1.86 -2.36 17.72
C MET B 91 -0.52 -1.85 17.18
N ASN B 92 -0.51 -0.63 16.63
CA ASN B 92 0.71 -0.08 16.05
C ASN B 92 1.51 0.89 16.92
N CYS B 93 0.93 1.28 18.06
CA CYS B 93 1.53 2.25 18.95
C CYS B 93 2.94 1.97 19.44
N PRO B 94 3.17 0.76 19.98
CA PRO B 94 4.51 0.46 20.47
C PRO B 94 5.56 0.62 19.38
N GLY B 95 5.23 0.18 18.17
CA GLY B 95 6.15 0.31 17.06
C GLY B 95 6.40 1.77 16.73
N HIS B 96 5.36 2.60 16.85
CA HIS B 96 5.53 4.01 16.56
C HIS B 96 6.45 4.65 17.59
N VAL B 97 6.31 4.25 18.86
CA VAL B 97 7.19 4.82 19.88
C VAL B 97 8.64 4.38 19.64
N GLN B 98 8.85 3.15 19.18
CA GLN B 98 10.21 2.70 18.88
C GLN B 98 10.82 3.62 17.80
N ILE B 99 10.04 3.98 16.79
CA ILE B 99 10.54 4.86 15.75
C ILE B 99 10.80 6.25 16.37
N PHE B 100 9.86 6.71 17.18
CA PHE B 100 10.01 8.01 17.83
C PHE B 100 11.33 8.07 18.63
N ASN B 101 11.64 7.00 19.33
CA ASN B 101 12.85 6.90 20.17
C ASN B 101 14.19 6.91 19.40
N GLN B 102 14.14 6.80 18.09
CA GLN B 102 15.38 6.84 17.32
C GLN B 102 15.73 8.29 17.03
N GLY B 103 16.79 8.77 17.67
CA GLY B 103 17.24 10.14 17.47
C GLY B 103 16.71 11.06 18.53
N LEU B 104 17.57 11.92 19.04
CA LEU B 104 17.21 12.89 20.07
C LEU B 104 16.07 13.78 19.62
N LYS B 105 15.04 13.91 20.46
CA LYS B 105 13.90 14.74 20.11
C LYS B 105 13.88 15.98 21.00
N SER B 106 13.37 17.07 20.46
CA SER B 106 13.26 18.31 21.22
C SER B 106 11.85 18.86 21.02
N TYR B 107 11.47 19.82 21.85
CA TYR B 107 10.15 20.40 21.76
C TYR B 107 9.93 20.97 20.36
N ARG B 108 11.03 21.24 19.66
CA ARG B 108 10.92 21.78 18.31
C ARG B 108 10.28 20.77 17.35
N ASP B 109 10.45 19.48 17.65
CA ASP B 109 9.91 18.41 16.81
C ASP B 109 8.45 18.07 17.06
N LEU B 110 7.85 18.71 18.05
CA LEU B 110 6.46 18.44 18.41
C LEU B 110 5.53 19.58 18.00
N PRO B 111 4.27 19.25 17.66
CA PRO B 111 3.69 17.90 17.64
C PRO B 111 4.27 17.04 16.51
N LEU B 112 4.49 15.74 16.77
CA LEU B 112 4.98 14.84 15.75
C LEU B 112 3.83 13.87 15.48
N ARG B 113 3.24 13.96 14.28
CA ARG B 113 2.10 13.13 13.91
C ARG B 113 2.56 11.99 13.02
N MET B 114 2.43 10.79 13.56
CA MET B 114 2.90 9.58 12.88
C MET B 114 1.78 8.58 12.56
N ALA B 115 1.48 8.47 11.27
CA ALA B 115 0.42 7.59 10.77
C ALA B 115 0.96 6.31 10.15
N GLU B 116 0.08 5.31 10.06
CA GLU B 116 0.40 4.03 9.44
C GLU B 116 -0.87 3.27 9.06
N PHE B 117 -0.85 2.56 7.94
CA PHE B 117 -1.98 1.70 7.59
C PHE B 117 -1.45 0.43 8.27
N GLY B 118 -1.77 0.28 9.55
CA GLY B 118 -1.25 -0.83 10.33
C GLY B 118 -1.97 -2.16 10.24
N SER B 119 -1.25 -3.20 9.86
CA SER B 119 -1.82 -4.53 9.76
C SER B 119 -1.89 -5.06 11.19
N CYS B 120 -3.09 -5.24 11.69
CA CYS B 120 -3.27 -5.74 13.04
C CYS B 120 -4.05 -7.04 13.08
N HIS B 121 -3.78 -7.84 14.11
CA HIS B 121 -4.49 -9.09 14.30
C HIS B 121 -4.93 -9.18 15.76
N ARG B 122 -6.19 -9.54 15.94
CA ARG B 122 -6.75 -9.70 17.27
C ARG B 122 -7.53 -11.02 17.20
N ASN B 123 -7.20 -11.92 18.12
CA ASN B 123 -7.84 -13.22 18.15
C ASN B 123 -9.25 -13.12 18.76
N GLU B 124 -10.18 -12.63 17.94
CA GLU B 124 -11.57 -12.45 18.36
C GLU B 124 -12.27 -13.80 18.37
N PRO B 125 -13.24 -13.98 19.28
CA PRO B 125 -13.97 -15.26 19.33
C PRO B 125 -14.56 -15.55 17.95
N SER B 126 -14.41 -16.79 17.47
CA SER B 126 -14.93 -17.15 16.15
C SER B 126 -16.42 -16.90 16.01
N GLY B 127 -17.17 -17.17 17.07
CA GLY B 127 -18.61 -16.98 17.03
C GLY B 127 -19.04 -15.55 16.76
N SER B 128 -18.20 -14.59 17.14
CA SER B 128 -18.52 -13.18 16.96
C SER B 128 -18.06 -12.58 15.63
N LEU B 129 -17.48 -13.40 14.76
CA LEU B 129 -16.99 -12.91 13.47
C LEU B 129 -18.15 -12.70 12.52
N HIS B 130 -18.06 -11.64 11.70
CA HIS B 130 -19.13 -11.34 10.76
C HIS B 130 -18.65 -10.50 9.58
N GLY B 131 -18.66 -11.12 8.39
CA GLY B 131 -18.25 -10.43 7.18
C GLY B 131 -17.01 -9.57 7.36
N LEU B 132 -17.09 -8.34 6.88
CA LEU B 132 -15.98 -7.38 6.96
C LEU B 132 -16.05 -6.50 8.20
N MET B 133 -17.16 -6.58 8.94
CA MET B 133 -17.33 -5.75 10.13
C MET B 133 -16.63 -6.26 11.37
N ARG B 134 -16.61 -7.57 11.56
CA ARG B 134 -15.97 -8.16 12.73
C ARG B 134 -14.99 -9.20 12.20
N VAL B 135 -13.71 -8.82 12.16
CA VAL B 135 -12.66 -9.67 11.62
C VAL B 135 -11.53 -9.90 12.62
N ARG B 136 -10.58 -10.76 12.25
CA ARG B 136 -9.43 -11.03 13.10
C ARG B 136 -8.19 -10.30 12.57
N GLY B 137 -8.10 -10.19 11.24
CA GLY B 137 -6.98 -9.49 10.63
C GLY B 137 -7.55 -8.23 9.97
N PHE B 138 -6.98 -7.07 10.27
CA PHE B 138 -7.51 -5.85 9.69
C PHE B 138 -6.41 -4.79 9.48
N THR B 139 -6.77 -3.68 8.83
CA THR B 139 -5.82 -2.61 8.56
C THR B 139 -6.39 -1.34 9.16
N GLN B 140 -5.68 -0.79 10.12
CA GLN B 140 -6.15 0.40 10.83
C GLN B 140 -5.61 1.68 10.16
N ASP B 141 -6.43 2.71 10.00
CA ASP B 141 -5.95 4.01 9.45
C ASP B 141 -5.53 4.74 10.72
N ASP B 142 -4.49 4.19 11.33
CA ASP B 142 -3.97 4.64 12.61
C ASP B 142 -2.92 5.75 12.55
N ALA B 143 -2.74 6.41 13.69
CA ALA B 143 -1.73 7.42 13.86
C ALA B 143 -1.58 7.72 15.34
N HIS B 144 -0.39 8.14 15.72
CA HIS B 144 -0.13 8.58 17.07
C HIS B 144 0.51 9.92 16.97
N ILE B 145 0.03 10.83 17.78
CA ILE B 145 0.55 12.17 17.81
C ILE B 145 1.30 12.33 19.14
N PHE B 146 2.57 12.68 19.04
CA PHE B 146 3.44 12.89 20.18
C PHE B 146 3.42 14.41 20.39
N CYS B 147 2.99 14.87 21.56
CA CYS B 147 2.95 16.33 21.79
C CYS B 147 3.18 16.68 23.25
N THR B 148 3.16 17.99 23.54
CA THR B 148 3.33 18.49 24.91
C THR B 148 1.92 18.56 25.48
N GLU B 149 1.82 18.70 26.80
CA GLU B 149 0.52 18.79 27.46
C GLU B 149 -0.23 20.02 26.97
N GLU B 150 0.51 21.09 26.67
CA GLU B 150 -0.11 22.33 26.21
C GLU B 150 -0.69 22.22 24.81
N GLN B 151 -0.18 21.26 24.04
CA GLN B 151 -0.66 21.10 22.66
C GLN B 151 -1.86 20.18 22.54
N ILE B 152 -2.21 19.52 23.65
CA ILE B 152 -3.33 18.60 23.70
C ILE B 152 -4.63 19.16 23.12
N ARG B 153 -5.00 20.38 23.53
CA ARG B 153 -6.22 21.01 23.05
C ARG B 153 -6.27 21.13 21.53
N ASP B 154 -5.23 21.70 20.93
CA ASP B 154 -5.19 21.85 19.48
C ASP B 154 -5.12 20.53 18.72
N GLU B 155 -4.30 19.61 19.21
CA GLU B 155 -4.17 18.31 18.55
C GLU B 155 -5.48 17.52 18.61
N VAL B 156 -6.17 17.54 19.75
CA VAL B 156 -7.45 16.83 19.87
C VAL B 156 -8.45 17.50 18.93
N ASN B 157 -8.43 18.83 18.88
CA ASN B 157 -9.35 19.53 17.99
C ASN B 157 -9.06 19.15 16.53
N GLY B 158 -7.79 18.95 16.20
CA GLY B 158 -7.40 18.56 14.85
C GLY B 158 -7.98 17.20 14.47
N CYS B 159 -7.89 16.25 15.39
CA CYS B 159 -8.45 14.91 15.17
C CYS B 159 -9.96 14.99 15.01
N ILE B 160 -10.61 15.81 15.84
CA ILE B 160 -12.07 15.97 15.77
C ILE B 160 -12.46 16.54 14.39
N ARG B 161 -11.76 17.58 13.95
CA ARG B 161 -12.02 18.16 12.64
C ARG B 161 -11.84 17.09 11.55
N LEU B 162 -10.76 16.33 11.66
CA LEU B 162 -10.47 15.28 10.68
C LEU B 162 -11.60 14.24 10.61
N VAL B 163 -12.20 13.89 11.75
CA VAL B 163 -13.30 12.93 11.75
C VAL B 163 -14.50 13.41 10.90
N TYR B 164 -15.03 14.60 11.20
CA TYR B 164 -16.18 15.15 10.46
C TYR B 164 -15.83 15.41 9.00
N ASP B 165 -14.61 15.85 8.77
CA ASP B 165 -14.11 16.13 7.44
C ASP B 165 -14.17 14.86 6.56
N MET B 166 -13.53 13.79 7.01
CA MET B 166 -13.53 12.54 6.24
C MET B 166 -14.92 11.91 6.09
N TYR B 167 -15.69 11.86 7.17
CA TYR B 167 -17.02 11.29 7.10
C TYR B 167 -17.95 12.02 6.11
N SER B 168 -17.76 13.32 5.95
CA SER B 168 -18.62 14.06 5.04
C SER B 168 -18.34 13.69 3.58
N THR B 169 -17.11 13.29 3.28
CA THR B 169 -16.79 12.90 1.91
C THR B 169 -17.67 11.74 1.43
N PHE B 170 -18.05 10.87 2.37
CA PHE B 170 -18.87 9.71 2.07
C PHE B 170 -20.36 9.96 2.27
N GLY B 171 -20.71 11.19 2.62
CA GLY B 171 -22.11 11.51 2.83
C GLY B 171 -22.64 11.18 4.21
N PHE B 172 -21.77 11.01 5.19
CA PHE B 172 -22.23 10.71 6.55
C PHE B 172 -22.22 12.03 7.34
N GLU B 173 -23.41 12.58 7.59
CA GLU B 173 -23.50 13.85 8.30
C GLU B 173 -24.05 13.73 9.71
N LYS B 174 -24.78 12.65 9.98
CA LYS B 174 -25.33 12.44 11.32
C LYS B 174 -24.31 11.64 12.13
N ILE B 175 -23.69 12.31 13.10
CA ILE B 175 -22.67 11.69 13.93
C ILE B 175 -22.96 11.87 15.41
N VAL B 176 -22.84 10.78 16.16
CA VAL B 176 -23.06 10.81 17.61
C VAL B 176 -21.71 10.54 18.28
N VAL B 177 -21.42 11.26 19.36
CA VAL B 177 -20.15 11.11 20.06
C VAL B 177 -20.26 10.63 21.51
N LYS B 178 -19.29 9.82 21.93
CA LYS B 178 -19.26 9.27 23.29
C LYS B 178 -17.85 9.28 23.88
N LEU B 179 -17.78 9.28 25.21
CA LEU B 179 -16.51 9.30 25.94
C LEU B 179 -16.41 8.04 26.79
N SER B 180 -15.48 7.16 26.45
CA SER B 180 -15.29 5.92 27.18
C SER B 180 -14.27 6.12 28.27
N THR B 181 -14.70 5.91 29.50
CA THR B 181 -13.85 6.12 30.67
C THR B 181 -13.08 4.90 31.17
N ARG B 182 -12.23 5.14 32.16
CA ARG B 182 -11.38 4.13 32.76
C ARG B 182 -12.05 2.77 32.94
N PRO B 183 -11.42 1.71 32.40
CA PRO B 183 -11.95 0.34 32.50
C PRO B 183 -11.49 -0.31 33.82
N GLU B 184 -12.08 -1.46 34.18
CA GLU B 184 -11.67 -2.14 35.41
C GLU B 184 -10.20 -2.50 35.40
N LYS B 185 -9.74 -3.11 34.30
CA LYS B 185 -8.32 -3.46 34.15
C LYS B 185 -7.61 -2.32 33.40
N ARG B 186 -6.75 -1.59 34.10
CA ARG B 186 -6.07 -0.47 33.47
C ARG B 186 -4.72 -0.23 34.11
N ILE B 187 -3.94 0.66 33.50
CA ILE B 187 -2.63 1.05 34.04
C ILE B 187 -2.72 2.55 34.25
N GLY B 188 -1.83 3.10 35.07
CA GLY B 188 -1.86 4.53 35.33
C GLY B 188 -2.66 4.84 36.59
N SER B 189 -2.37 5.96 37.24
CA SER B 189 -3.05 6.33 38.48
C SER B 189 -4.43 6.94 38.25
N ASP B 190 -5.22 7.03 39.33
CA ASP B 190 -6.55 7.63 39.23
C ASP B 190 -6.41 9.12 38.94
N GLU B 191 -5.28 9.68 39.33
CA GLU B 191 -5.00 11.10 39.08
C GLU B 191 -4.77 11.33 37.58
N MET B 192 -4.04 10.43 36.93
CA MET B 192 -3.79 10.53 35.50
C MET B 192 -5.11 10.37 34.71
N TRP B 193 -5.95 9.42 35.13
CA TRP B 193 -7.24 9.19 34.47
C TRP B 193 -8.19 10.37 34.67
N ASP B 194 -8.15 10.98 35.85
CA ASP B 194 -8.99 12.14 36.10
C ASP B 194 -8.56 13.21 35.11
N ARG B 195 -7.26 13.38 34.93
CA ARG B 195 -6.79 14.44 34.05
C ARG B 195 -7.06 14.16 32.57
N ALA B 196 -6.87 12.92 32.14
CA ALA B 196 -7.09 12.56 30.75
C ALA B 196 -8.59 12.63 30.40
N GLU B 197 -9.44 12.16 31.31
CA GLU B 197 -10.88 12.20 31.08
C GLU B 197 -11.37 13.65 31.00
N ALA B 198 -10.88 14.51 31.89
CA ALA B 198 -11.26 15.93 31.86
C ALA B 198 -10.81 16.61 30.56
N ASP B 199 -9.58 16.34 30.11
CA ASP B 199 -9.09 16.96 28.88
C ASP B 199 -10.00 16.64 27.70
N LEU B 200 -10.43 15.39 27.60
CA LEU B 200 -11.30 15.01 26.50
C LEU B 200 -12.71 15.58 26.67
N ALA B 201 -13.23 15.57 27.90
CA ALA B 201 -14.57 16.12 28.15
C ALA B 201 -14.62 17.61 27.79
N VAL B 202 -13.57 18.33 28.16
CA VAL B 202 -13.46 19.75 27.88
C VAL B 202 -13.31 20.02 26.38
N ALA B 203 -12.63 19.12 25.67
CA ALA B 203 -12.45 19.33 24.23
C ALA B 203 -13.83 19.21 23.55
N LEU B 204 -14.63 18.25 24.01
CA LEU B 204 -15.97 18.09 23.43
C LEU B 204 -16.85 19.30 23.73
N GLU B 205 -16.82 19.75 24.98
CA GLU B 205 -17.61 20.91 25.37
C GLU B 205 -17.18 22.16 24.61
N GLU B 206 -15.88 22.37 24.45
CA GLU B 206 -15.40 23.55 23.74
C GLU B 206 -15.82 23.51 22.28
N ASN B 207 -16.07 22.31 21.77
CA ASN B 207 -16.47 22.12 20.38
C ASN B 207 -18.00 22.06 20.31
N ASN B 208 -18.62 22.27 21.47
CA ASN B 208 -20.08 22.21 21.63
C ASN B 208 -20.61 20.91 21.07
N ILE B 209 -19.95 19.82 21.43
CA ILE B 209 -20.37 18.50 20.97
C ILE B 209 -21.02 17.79 22.15
N PRO B 210 -22.34 17.54 22.07
CA PRO B 210 -22.98 16.85 23.19
C PRO B 210 -22.44 15.42 23.19
N PHE B 211 -22.39 14.78 24.35
CA PHE B 211 -21.90 13.41 24.42
C PHE B 211 -22.39 12.67 25.63
N GLU B 212 -22.31 11.35 25.57
CA GLU B 212 -22.70 10.50 26.68
C GLU B 212 -21.50 9.63 27.05
N TYR B 213 -21.36 9.36 28.36
CA TYR B 213 -20.28 8.51 28.84
C TYR B 213 -20.57 7.04 28.54
N GLN B 214 -19.50 6.29 28.28
CA GLN B 214 -19.56 4.87 28.04
C GLN B 214 -18.63 4.42 29.18
N LEU B 215 -19.21 4.25 30.35
CA LEU B 215 -18.45 3.88 31.54
C LEU B 215 -17.69 2.57 31.43
N GLY B 216 -16.43 2.60 31.85
CA GLY B 216 -15.59 1.42 31.82
C GLY B 216 -15.18 0.88 30.46
N GLU B 217 -15.42 1.64 29.39
CA GLU B 217 -15.06 1.18 28.05
C GLU B 217 -13.75 1.75 27.49
N GLY B 218 -13.05 2.57 28.27
CA GLY B 218 -11.79 3.14 27.80
C GLY B 218 -10.75 2.06 27.54
N ALA B 219 -9.63 2.44 26.94
CA ALA B 219 -8.57 1.48 26.67
C ALA B 219 -7.82 1.32 27.99
N PHE B 220 -7.11 0.21 28.15
CA PHE B 220 -6.37 0.01 29.40
C PHE B 220 -5.37 1.14 29.62
N TYR B 221 -4.98 1.82 28.55
CA TYR B 221 -4.01 2.92 28.67
C TYR B 221 -4.58 4.34 28.60
N GLY B 222 -5.88 4.50 28.38
CA GLY B 222 -6.43 5.85 28.32
C GLY B 222 -7.88 5.98 27.90
N PRO B 223 -8.55 7.12 28.24
CA PRO B 223 -9.94 7.26 27.84
C PRO B 223 -10.01 7.58 26.36
N LYS B 224 -11.19 7.48 25.77
CA LYS B 224 -11.29 7.76 24.35
C LYS B 224 -12.62 8.34 23.93
N ILE B 225 -12.55 9.23 22.96
CA ILE B 225 -13.72 9.82 22.40
C ILE B 225 -14.01 8.91 21.24
N GLU B 226 -15.23 8.38 21.19
CA GLU B 226 -15.61 7.49 20.11
C GLU B 226 -16.69 8.10 19.25
N PHE B 227 -16.52 8.00 17.93
CA PHE B 227 -17.45 8.56 16.98
C PHE B 227 -18.26 7.51 16.26
N THR B 228 -19.57 7.67 16.34
CA THR B 228 -20.49 6.74 15.69
C THR B 228 -21.20 7.47 14.55
N LEU B 229 -21.16 6.91 13.36
CA LEU B 229 -21.83 7.57 12.24
C LEU B 229 -23.11 6.81 11.88
N TYR B 230 -24.03 7.46 11.17
CA TYR B 230 -25.27 6.80 10.77
C TYR B 230 -25.36 6.69 9.27
N ASP B 231 -25.74 5.53 8.76
CA ASP B 231 -25.85 5.37 7.31
C ASP B 231 -27.24 5.83 6.85
N CYS B 232 -27.55 5.63 5.57
CA CYS B 232 -28.85 6.07 5.03
C CYS B 232 -30.01 5.29 5.65
N LEU B 233 -29.71 4.14 6.23
CA LEU B 233 -30.73 3.31 6.89
C LEU B 233 -30.84 3.64 8.40
N ASP B 234 -30.32 4.80 8.78
CA ASP B 234 -30.32 5.25 10.17
C ASP B 234 -29.74 4.22 11.14
N ARG B 235 -28.79 3.44 10.66
CA ARG B 235 -28.13 2.46 11.52
C ARG B 235 -26.84 3.07 12.07
N ALA B 236 -26.52 2.76 13.32
CA ALA B 236 -25.31 3.29 13.97
C ALA B 236 -24.07 2.44 13.74
N TRP B 237 -22.97 3.10 13.41
CA TRP B 237 -21.69 2.41 13.19
C TRP B 237 -20.56 3.11 13.94
N GLN B 238 -20.00 2.46 14.96
CA GLN B 238 -18.91 3.08 15.70
C GLN B 238 -17.64 2.88 14.89
N CYS B 239 -16.94 3.97 14.58
CA CYS B 239 -15.72 3.89 13.76
C CYS B 239 -14.54 4.69 14.31
N GLY B 240 -14.72 6.01 14.37
CA GLY B 240 -13.66 6.88 14.84
C GLY B 240 -13.36 6.76 16.32
N THR B 241 -12.09 7.00 16.65
CA THR B 241 -11.62 6.93 18.01
C THR B 241 -10.42 7.88 18.20
N VAL B 242 -10.46 8.65 19.29
CA VAL B 242 -9.41 9.60 19.63
C VAL B 242 -9.12 9.24 21.09
N GLN B 243 -7.87 8.89 21.39
CA GLN B 243 -7.49 8.44 22.74
C GLN B 243 -6.32 9.21 23.32
N LEU B 244 -6.40 9.53 24.62
CA LEU B 244 -5.37 10.30 25.31
C LEU B 244 -4.58 9.37 26.22
N ASP B 245 -3.29 9.27 25.95
CA ASP B 245 -2.41 8.35 26.65
C ASP B 245 -1.22 9.02 27.34
N PHE B 246 -1.25 9.00 28.67
CA PHE B 246 -0.19 9.56 29.50
C PHE B 246 0.67 8.41 30.06
N SER B 247 0.41 7.18 29.59
CA SER B 247 1.13 6.02 30.11
C SER B 247 2.17 5.30 29.23
N LEU B 248 1.80 4.98 27.99
CA LEU B 248 2.70 4.23 27.14
C LEU B 248 4.04 4.89 26.85
N PRO B 249 4.07 6.21 26.63
CA PRO B 249 5.36 6.84 26.36
C PRO B 249 6.37 6.68 27.51
N SER B 250 5.90 6.84 28.74
CA SER B 250 6.76 6.69 29.90
C SER B 250 7.25 5.24 29.95
N ARG B 251 6.32 4.29 29.88
CA ARG B 251 6.70 2.88 29.91
C ARG B 251 7.64 2.45 28.80
N LEU B 252 7.66 3.18 27.69
CA LEU B 252 8.55 2.81 26.60
C LEU B 252 9.76 3.74 26.51
N SER B 253 10.01 4.49 27.57
CA SER B 253 11.15 5.41 27.66
C SER B 253 11.25 6.51 26.61
N ALA B 254 10.11 7.08 26.22
CA ALA B 254 10.11 8.15 25.24
C ALA B 254 10.35 9.48 25.97
N SER B 255 11.08 10.39 25.35
CA SER B 255 11.36 11.69 25.96
C SER B 255 11.83 12.69 24.93
N TYR B 256 11.82 13.96 25.33
CA TYR B 256 12.28 15.03 24.45
C TYR B 256 12.81 16.16 25.33
N VAL B 257 13.68 17.00 24.76
CA VAL B 257 14.25 18.12 25.49
C VAL B 257 13.30 19.31 25.42
N GLY B 258 12.81 19.75 26.57
CA GLY B 258 11.90 20.89 26.59
C GLY B 258 12.65 22.18 26.31
N GLU B 259 11.91 23.28 26.22
CA GLU B 259 12.49 24.58 25.97
C GLU B 259 13.42 24.96 27.13
N ASP B 260 13.02 24.58 28.35
CA ASP B 260 13.82 24.82 29.54
C ASP B 260 14.87 23.73 29.64
N ASN B 261 15.22 23.17 28.50
CA ASN B 261 16.20 22.11 28.41
C ASN B 261 16.06 20.99 29.43
N GLU B 262 14.85 20.83 29.96
CA GLU B 262 14.58 19.75 30.91
C GLU B 262 14.05 18.57 30.08
N ARG B 263 14.33 17.35 30.53
CA ARG B 263 13.87 16.15 29.86
C ARG B 263 12.40 15.91 30.22
N LYS B 264 11.56 15.71 29.22
CA LYS B 264 10.14 15.49 29.45
C LYS B 264 9.60 14.30 28.68
N VAL B 265 8.51 13.72 29.17
CA VAL B 265 7.88 12.60 28.48
C VAL B 265 6.77 13.18 27.59
N PRO B 266 6.73 12.79 26.32
CA PRO B 266 5.67 13.35 25.49
C PRO B 266 4.30 12.71 25.77
N VAL B 267 3.25 13.47 25.53
CA VAL B 267 1.87 13.00 25.65
C VAL B 267 1.65 12.26 24.32
N MET B 268 0.80 11.26 24.30
CA MET B 268 0.51 10.54 23.06
C MET B 268 -0.99 10.45 22.84
N ILE B 269 -1.43 10.90 21.67
CA ILE B 269 -2.85 10.82 21.30
C ILE B 269 -2.95 9.75 20.22
N HIS B 270 -3.84 8.78 20.41
CA HIS B 270 -4.03 7.71 19.43
C HIS B 270 -5.30 8.06 18.67
N ARG B 271 -5.34 7.80 17.36
CA ARG B 271 -6.59 8.04 16.65
C ARG B 271 -6.70 7.27 15.35
N ALA B 272 -7.91 6.79 15.07
CA ALA B 272 -8.20 6.10 13.82
C ALA B 272 -9.54 6.72 13.41
N ILE B 273 -9.68 7.07 12.14
CA ILE B 273 -10.91 7.71 11.68
C ILE B 273 -11.91 6.68 11.13
N LEU B 274 -11.46 5.93 10.14
CA LEU B 274 -12.28 4.89 9.55
C LEU B 274 -12.38 3.66 10.47
N GLY B 275 -11.40 3.47 11.36
CA GLY B 275 -11.41 2.32 12.24
C GLY B 275 -10.55 1.22 11.61
N SER B 276 -11.10 0.56 10.60
CA SER B 276 -10.32 -0.43 9.87
C SER B 276 -10.79 -0.26 8.44
N MET B 277 -9.88 -0.40 7.50
CA MET B 277 -10.22 -0.25 6.10
C MET B 277 -11.31 -1.28 5.73
N GLU B 278 -11.14 -2.51 6.21
CA GLU B 278 -12.07 -3.61 5.93
C GLU B 278 -13.50 -3.30 6.35
N ARG B 279 -13.66 -2.96 7.62
CA ARG B 279 -14.98 -2.64 8.16
C ARG B 279 -15.59 -1.43 7.42
N PHE B 280 -14.79 -0.39 7.19
CA PHE B 280 -15.32 0.79 6.52
C PHE B 280 -15.80 0.44 5.10
N ILE B 281 -15.08 -0.44 4.39
CA ILE B 281 -15.49 -0.83 3.06
C ILE B 281 -16.81 -1.64 3.19
N GLY B 282 -16.94 -2.41 4.25
CA GLY B 282 -18.18 -3.16 4.46
C GLY B 282 -19.36 -2.20 4.63
N ILE B 283 -19.16 -1.16 5.43
CA ILE B 283 -20.17 -0.13 5.70
C ILE B 283 -20.54 0.61 4.41
N LEU B 284 -19.53 1.01 3.65
CA LEU B 284 -19.75 1.73 2.40
C LEU B 284 -20.50 0.90 1.38
N THR B 285 -20.25 -0.40 1.38
CA THR B 285 -20.90 -1.31 0.45
C THR B 285 -22.41 -1.33 0.70
N GLU B 286 -22.80 -1.33 1.97
CA GLU B 286 -24.22 -1.35 2.31
C GLU B 286 -24.81 0.03 2.13
N GLU B 287 -24.05 1.06 2.50
CA GLU B 287 -24.51 2.42 2.37
C GLU B 287 -24.87 2.77 0.93
N PHE B 288 -24.04 2.35 -0.01
CA PHE B 288 -24.26 2.61 -1.44
C PHE B 288 -24.96 1.46 -2.16
N ALA B 289 -25.17 0.36 -1.44
CA ALA B 289 -25.81 -0.83 -2.00
C ALA B 289 -25.05 -1.27 -3.24
N GLY B 290 -23.73 -1.23 -3.17
CA GLY B 290 -22.93 -1.63 -4.31
C GLY B 290 -22.69 -0.55 -5.36
N PHE B 291 -23.46 0.54 -5.31
CA PHE B 291 -23.30 1.64 -6.27
C PHE B 291 -22.21 2.61 -5.78
N PHE B 292 -20.96 2.17 -5.78
CA PHE B 292 -19.86 3.03 -5.31
C PHE B 292 -19.65 4.31 -6.14
N PRO B 293 -19.43 5.44 -5.45
CA PRO B 293 -19.20 6.70 -6.18
C PRO B 293 -18.09 6.38 -7.18
N THR B 294 -18.08 7.08 -8.29
CA THR B 294 -17.12 6.84 -9.35
C THR B 294 -15.64 6.78 -8.90
N TRP B 295 -15.22 7.67 -8.01
CA TRP B 295 -13.82 7.64 -7.58
C TRP B 295 -13.44 6.29 -6.93
N LEU B 296 -14.43 5.62 -6.35
CA LEU B 296 -14.24 4.32 -5.68
C LEU B 296 -14.56 3.09 -6.55
N ALA B 297 -15.41 3.26 -7.55
CA ALA B 297 -15.82 2.14 -8.40
C ALA B 297 -14.66 1.35 -8.98
N PRO B 298 -14.71 0.01 -8.85
CA PRO B 298 -13.66 -0.86 -9.37
C PRO B 298 -13.42 -0.61 -10.86
N VAL B 299 -14.50 -0.59 -11.64
CA VAL B 299 -14.41 -0.30 -13.07
C VAL B 299 -15.31 0.91 -13.24
N GLN B 300 -14.73 2.02 -13.65
CA GLN B 300 -15.47 3.25 -13.79
C GLN B 300 -16.25 3.40 -15.09
N VAL B 301 -15.74 2.82 -16.16
CA VAL B 301 -16.37 2.93 -17.46
C VAL B 301 -16.21 1.67 -18.27
N VAL B 302 -17.27 1.29 -18.98
CA VAL B 302 -17.17 0.13 -19.86
C VAL B 302 -17.56 0.65 -21.24
N ILE B 303 -16.72 0.35 -22.23
CA ILE B 303 -17.00 0.77 -23.60
C ILE B 303 -17.38 -0.49 -24.39
N MET B 304 -18.52 -0.44 -25.06
CA MET B 304 -19.03 -1.59 -25.82
C MET B 304 -19.25 -1.28 -27.31
N ASN B 305 -18.94 -2.27 -28.16
CA ASN B 305 -19.19 -2.12 -29.59
C ASN B 305 -20.56 -2.82 -29.76
N ILE B 306 -21.13 -2.74 -30.96
CA ILE B 306 -22.40 -3.39 -31.27
C ILE B 306 -22.00 -4.64 -32.03
N THR B 307 -21.23 -4.44 -33.10
CA THR B 307 -20.72 -5.53 -33.94
C THR B 307 -19.21 -5.28 -34.13
N ASP B 308 -18.54 -6.16 -34.88
CA ASP B 308 -17.11 -6.02 -35.14
C ASP B 308 -16.76 -4.70 -35.83
N SER B 309 -17.72 -4.11 -36.54
CA SER B 309 -17.49 -2.85 -37.22
C SER B 309 -16.86 -1.80 -36.32
N GLN B 310 -17.34 -1.68 -35.10
CA GLN B 310 -16.82 -0.68 -34.19
C GLN B 310 -15.70 -1.15 -33.25
N SER B 311 -15.27 -2.41 -33.38
CA SER B 311 -14.22 -2.92 -32.50
C SER B 311 -12.94 -2.10 -32.45
N GLU B 312 -12.49 -1.62 -33.61
CA GLU B 312 -11.28 -0.82 -33.68
C GLU B 312 -11.45 0.51 -32.93
N TYR B 313 -12.57 1.18 -33.18
CA TYR B 313 -12.85 2.46 -32.54
C TYR B 313 -12.96 2.29 -31.03
N VAL B 314 -13.56 1.19 -30.58
CA VAL B 314 -13.71 0.93 -29.15
C VAL B 314 -12.35 0.78 -28.48
N ASN B 315 -11.49 -0.05 -29.07
CA ASN B 315 -10.16 -0.27 -28.54
C ASN B 315 -9.40 1.05 -28.40
N GLU B 316 -9.54 1.91 -29.41
CA GLU B 316 -8.87 3.20 -29.39
C GLU B 316 -9.38 4.06 -28.25
N LEU B 317 -10.71 4.16 -28.13
CA LEU B 317 -11.29 4.97 -27.06
C LEU B 317 -10.95 4.43 -25.68
N THR B 318 -10.89 3.11 -25.52
CA THR B 318 -10.58 2.55 -24.22
C THR B 318 -9.14 2.95 -23.88
N GLN B 319 -8.22 2.69 -24.80
CA GLN B 319 -6.82 3.04 -24.63
C GLN B 319 -6.71 4.53 -24.24
N LYS B 320 -7.54 5.36 -24.85
CA LYS B 320 -7.53 6.79 -24.57
C LYS B 320 -7.99 7.15 -23.15
N LEU B 321 -9.11 6.58 -22.69
CA LEU B 321 -9.59 6.87 -21.34
C LEU B 321 -8.61 6.32 -20.30
N SER B 322 -7.97 5.21 -20.62
CA SER B 322 -7.03 4.59 -19.72
C SER B 322 -5.83 5.52 -19.49
N ASN B 323 -5.40 6.20 -20.57
CA ASN B 323 -4.27 7.13 -20.48
C ASN B 323 -4.68 8.36 -19.72
N ALA B 324 -5.98 8.61 -19.67
CA ALA B 324 -6.50 9.77 -18.97
C ALA B 324 -6.73 9.48 -17.50
N GLY B 325 -6.24 8.32 -17.05
CA GLY B 325 -6.41 7.95 -15.66
C GLY B 325 -7.75 7.36 -15.28
N ILE B 326 -8.54 6.93 -16.26
CA ILE B 326 -9.85 6.36 -15.93
C ILE B 326 -9.78 4.83 -15.96
N ARG B 327 -10.45 4.17 -15.01
CA ARG B 327 -10.46 2.71 -14.98
C ARG B 327 -11.52 2.24 -16.00
N VAL B 328 -11.05 1.85 -17.18
CA VAL B 328 -11.95 1.46 -18.25
C VAL B 328 -11.73 0.07 -18.82
N LYS B 329 -12.81 -0.53 -19.30
CA LYS B 329 -12.78 -1.87 -19.88
C LYS B 329 -13.60 -1.85 -21.18
N ALA B 330 -13.13 -2.56 -22.18
CA ALA B 330 -13.85 -2.66 -23.44
C ALA B 330 -14.60 -3.99 -23.37
N ASP B 331 -15.79 -4.04 -23.95
CA ASP B 331 -16.60 -5.26 -24.00
C ASP B 331 -16.93 -5.46 -25.47
N LEU B 332 -16.14 -6.29 -26.13
CA LEU B 332 -16.31 -6.58 -27.55
C LEU B 332 -16.97 -7.93 -27.78
N ARG B 333 -17.59 -8.46 -26.72
CA ARG B 333 -18.25 -9.75 -26.85
C ARG B 333 -19.30 -9.68 -27.94
N ASN B 334 -19.52 -10.81 -28.60
CA ASN B 334 -20.54 -10.89 -29.64
C ASN B 334 -21.84 -11.22 -28.92
N GLU B 335 -22.41 -10.20 -28.28
CA GLU B 335 -23.64 -10.32 -27.54
C GLU B 335 -24.52 -9.14 -27.93
N LYS B 336 -25.82 -9.28 -27.73
CA LYS B 336 -26.73 -8.20 -28.05
C LYS B 336 -26.32 -7.01 -27.17
N ILE B 337 -26.39 -5.82 -27.72
CA ILE B 337 -25.98 -4.64 -26.97
C ILE B 337 -26.72 -4.51 -25.64
N GLY B 338 -28.00 -4.85 -25.62
CA GLY B 338 -28.78 -4.75 -24.40
C GLY B 338 -28.32 -5.70 -23.32
N PHE B 339 -27.90 -6.88 -23.74
CA PHE B 339 -27.40 -7.90 -22.82
C PHE B 339 -26.18 -7.30 -22.13
N LYS B 340 -25.30 -6.70 -22.92
CA LYS B 340 -24.08 -6.09 -22.40
C LYS B 340 -24.40 -5.00 -21.41
N ILE B 341 -25.20 -4.02 -21.86
CA ILE B 341 -25.60 -2.89 -21.02
C ILE B 341 -26.25 -3.37 -19.71
N ARG B 342 -27.01 -4.45 -19.80
CA ARG B 342 -27.69 -5.01 -18.64
C ARG B 342 -26.67 -5.56 -17.66
N GLU B 343 -25.76 -6.39 -18.16
CA GLU B 343 -24.76 -7.00 -17.30
C GLU B 343 -23.94 -5.96 -16.53
N HIS B 344 -23.46 -4.94 -17.23
CA HIS B 344 -22.66 -3.92 -16.58
C HIS B 344 -23.45 -3.08 -15.59
N THR B 345 -24.74 -2.89 -15.88
CA THR B 345 -25.61 -2.14 -14.98
C THR B 345 -25.71 -2.97 -13.70
N LEU B 346 -25.79 -4.28 -13.87
CA LEU B 346 -25.89 -5.19 -12.73
C LEU B 346 -24.62 -5.09 -11.88
N ARG B 347 -23.51 -4.78 -12.53
CA ARG B 347 -22.20 -4.67 -11.87
C ARG B 347 -21.94 -3.30 -11.26
N ARG B 348 -22.88 -2.39 -11.45
CA ARG B 348 -22.79 -1.04 -10.93
C ARG B 348 -21.66 -0.22 -11.54
N VAL B 349 -21.40 -0.44 -12.81
CA VAL B 349 -20.38 0.32 -13.48
C VAL B 349 -21.04 1.67 -13.67
N PRO B 350 -20.44 2.73 -13.11
CA PRO B 350 -20.98 4.09 -13.22
C PRO B 350 -21.44 4.49 -14.62
N TYR B 351 -20.54 4.39 -15.60
CA TYR B 351 -20.88 4.78 -16.97
C TYR B 351 -20.65 3.68 -18.00
N MET B 352 -21.52 3.66 -19.00
CA MET B 352 -21.42 2.71 -20.11
C MET B 352 -21.44 3.54 -21.37
N LEU B 353 -20.45 3.33 -22.22
CA LEU B 353 -20.34 4.07 -23.47
C LEU B 353 -20.62 3.09 -24.60
N VAL B 354 -21.64 3.38 -25.40
CA VAL B 354 -22.00 2.50 -26.50
C VAL B 354 -21.51 3.08 -27.83
N CYS B 355 -20.91 2.22 -28.66
CA CYS B 355 -20.39 2.66 -29.94
C CYS B 355 -20.97 1.91 -31.14
N GLY B 356 -21.81 2.59 -31.90
CA GLY B 356 -22.38 2.00 -33.09
C GLY B 356 -21.72 2.68 -34.28
N ASP B 357 -21.99 2.21 -35.50
CA ASP B 357 -21.38 2.80 -36.69
C ASP B 357 -21.50 4.32 -36.66
N LYS B 358 -22.64 4.81 -36.18
CA LYS B 358 -22.89 6.25 -36.10
C LYS B 358 -21.81 6.92 -35.24
N GLU B 359 -21.68 6.48 -34.00
CA GLU B 359 -20.69 7.04 -33.09
C GLU B 359 -19.31 7.07 -33.72
N VAL B 360 -18.94 5.96 -34.38
CA VAL B 360 -17.64 5.85 -35.02
C VAL B 360 -17.35 6.96 -36.02
N GLU B 361 -18.25 7.16 -36.99
CA GLU B 361 -18.05 8.22 -37.98
C GLU B 361 -18.24 9.57 -37.33
N SER B 362 -19.06 9.57 -36.28
CA SER B 362 -19.35 10.78 -35.53
C SER B 362 -18.14 11.18 -34.69
N GLY B 363 -17.38 10.18 -34.24
CA GLY B 363 -16.22 10.44 -33.41
C GLY B 363 -16.65 10.69 -31.97
N LYS B 364 -17.89 10.30 -31.66
CA LYS B 364 -18.44 10.49 -30.32
C LYS B 364 -18.77 9.16 -29.67
N VAL B 365 -19.53 9.23 -28.58
CA VAL B 365 -19.98 8.05 -27.84
C VAL B 365 -21.36 8.28 -27.22
N ALA B 366 -22.15 7.22 -27.15
CA ALA B 366 -23.49 7.26 -26.56
C ALA B 366 -23.35 6.88 -25.09
N VAL B 367 -23.67 7.82 -24.20
CA VAL B 367 -23.51 7.60 -22.76
C VAL B 367 -24.77 7.24 -21.96
N ARG B 368 -24.66 6.16 -21.18
CA ARG B 368 -25.75 5.71 -20.30
C ARG B 368 -25.15 5.52 -18.89
N THR B 369 -25.92 5.83 -17.84
CA THR B 369 -25.42 5.65 -16.48
C THR B 369 -26.03 4.37 -15.92
N ARG B 370 -25.39 3.79 -14.90
CA ARG B 370 -25.88 2.56 -14.28
C ARG B 370 -27.26 2.72 -13.64
N ARG B 371 -27.73 3.95 -13.51
CA ARG B 371 -29.06 4.19 -12.95
C ARG B 371 -30.06 4.16 -14.13
N GLY B 372 -29.54 3.87 -15.31
CA GLY B 372 -30.39 3.79 -16.48
C GLY B 372 -30.64 5.10 -17.21
N LYS B 373 -30.00 6.18 -16.78
CA LYS B 373 -30.19 7.46 -17.43
C LYS B 373 -29.43 7.55 -18.75
N ASP B 374 -30.09 8.14 -19.75
CA ASP B 374 -29.50 8.30 -21.08
C ASP B 374 -28.96 9.73 -21.15
N LEU B 375 -27.65 9.87 -21.32
CA LEU B 375 -27.02 11.18 -21.38
C LEU B 375 -26.80 11.66 -22.81
N GLY B 376 -27.16 10.81 -23.77
CA GLY B 376 -27.02 11.17 -25.17
C GLY B 376 -25.62 11.00 -25.74
N SER B 377 -25.44 11.51 -26.96
CA SER B 377 -24.14 11.43 -27.61
C SER B 377 -23.30 12.53 -27.04
N MET B 378 -22.06 12.21 -26.68
CA MET B 378 -21.17 13.20 -26.10
C MET B 378 -19.82 13.13 -26.76
N ASP B 379 -19.12 14.26 -26.79
CA ASP B 379 -17.78 14.30 -27.35
C ASP B 379 -16.93 13.46 -26.39
N VAL B 380 -16.05 12.63 -26.93
CA VAL B 380 -15.19 11.79 -26.09
C VAL B 380 -14.38 12.60 -25.09
N ASN B 381 -13.78 13.71 -25.53
CA ASN B 381 -12.99 14.53 -24.64
C ASN B 381 -13.87 15.20 -23.59
N GLU B 382 -15.13 15.43 -23.93
CA GLU B 382 -16.05 16.03 -22.99
C GLU B 382 -16.32 15.06 -21.83
N VAL B 383 -16.52 13.78 -22.14
CA VAL B 383 -16.77 12.80 -21.09
C VAL B 383 -15.51 12.62 -20.24
N ILE B 384 -14.36 12.50 -20.90
CA ILE B 384 -13.10 12.34 -20.19
C ILE B 384 -12.93 13.46 -19.16
N GLU B 385 -13.12 14.69 -19.60
CA GLU B 385 -12.98 15.84 -18.71
C GLU B 385 -14.01 15.80 -17.58
N LYS B 386 -15.25 15.48 -17.91
CA LYS B 386 -16.28 15.43 -16.87
C LYS B 386 -16.02 14.27 -15.88
N LEU B 387 -15.52 13.14 -16.37
CA LEU B 387 -15.23 12.03 -15.47
C LEU B 387 -14.05 12.35 -14.55
N GLN B 388 -13.03 13.01 -15.10
CA GLN B 388 -11.87 13.40 -14.31
C GLN B 388 -12.26 14.33 -13.17
N GLN B 389 -13.17 15.26 -13.45
CA GLN B 389 -13.64 16.19 -12.44
C GLN B 389 -14.47 15.49 -11.36
N GLU B 390 -15.27 14.51 -11.78
CA GLU B 390 -16.10 13.76 -10.86
C GLU B 390 -15.22 12.92 -9.93
N ILE B 391 -14.14 12.39 -10.49
CA ILE B 391 -13.19 11.55 -9.75
C ILE B 391 -12.33 12.39 -8.82
N ARG B 392 -11.81 13.48 -9.35
CA ARG B 392 -10.95 14.39 -8.59
C ARG B 392 -11.67 15.04 -7.40
N SER B 393 -12.95 15.32 -7.55
CA SER B 393 -13.68 15.94 -6.47
C SER B 393 -14.29 14.88 -5.56
N ARG B 394 -14.09 13.61 -5.91
CA ARG B 394 -14.67 12.52 -5.13
C ARG B 394 -16.15 12.77 -4.89
N SER B 395 -16.85 13.17 -5.96
CA SER B 395 -18.27 13.47 -5.91
C SER B 395 -19.11 12.22 -5.69
N LEU B 396 -20.17 12.37 -4.92
CA LEU B 396 -21.09 11.27 -4.62
C LEU B 396 -22.11 11.05 -5.73
N LYS B 397 -22.26 12.00 -6.64
CA LYS B 397 -23.24 11.82 -7.71
C LYS B 397 -22.67 11.87 -9.12
N GLN B 398 -23.32 11.17 -10.05
CA GLN B 398 -22.87 11.12 -11.43
C GLN B 398 -23.42 12.27 -12.26
N LEU B 399 -22.93 12.36 -13.50
CA LEU B 399 -23.37 13.39 -14.43
C LEU B 399 -24.91 13.45 -14.49
N GLU B 400 -25.46 14.65 -14.40
CA GLU B 400 -26.91 14.83 -14.49
C GLU B 400 -27.69 14.71 -13.19
N GLU B 401 -27.13 14.04 -12.19
CA GLU B 401 -27.85 13.89 -10.92
C GLU B 401 -27.57 15.05 -9.97
ZN ZN C . 4.73 -18.00 -6.08
ZN ZN D . -2.60 3.37 19.43
N THR E . -4.31 1.78 19.55
CA THR E . -5.55 2.42 19.09
C THR E . -6.55 1.29 18.99
O THR E . -6.21 0.25 18.38
CB THR E . -5.38 3.06 17.69
OG1 THR E . -4.22 3.90 17.67
CG2 THR E . -6.60 3.94 17.35
OXT THR E . -7.64 1.44 19.57
#